data_2JJA
# 
_entry.id   2JJA 
# 
_audit_conform.dict_name       mmcif_pdbx.dic 
_audit_conform.dict_version    5.408 
_audit_conform.dict_location   http://mmcif.pdb.org/dictionaries/ascii/mmcif_pdbx.dic 
# 
loop_
_database_2.database_id 
_database_2.database_code 
_database_2.pdbx_database_accession 
_database_2.pdbx_DOI 
PDB   2JJA         pdb_00002jja 10.2210/pdb2jja/pdb 
PDBE  EBI-35740    ?            ?                   
WWPDB D_1290035740 ?            ?                   
# 
loop_
_pdbx_audit_revision_history.ordinal 
_pdbx_audit_revision_history.data_content_type 
_pdbx_audit_revision_history.major_revision 
_pdbx_audit_revision_history.minor_revision 
_pdbx_audit_revision_history.revision_date 
_pdbx_audit_revision_history.part_number 
1 'Structure model' 1 0 2008-07-22 ? 
2 'Structure model' 1 1 2011-05-07 ? 
3 'Structure model' 1 2 2011-07-13 ? 
4 'Structure model' 2 0 2022-06-22 ? 
5 'Structure model' 2 1 2024-06-19 ? 
6 'Structure model' 2 2 2025-12-10 ? 
# 
_pdbx_audit_revision_details.ordinal             1 
_pdbx_audit_revision_details.revision_ordinal    1 
_pdbx_audit_revision_details.data_content_type   'Structure model' 
_pdbx_audit_revision_details.provider            repository 
_pdbx_audit_revision_details.type                'Initial release' 
_pdbx_audit_revision_details.description         ? 
_pdbx_audit_revision_details.details             ? 
# 
loop_
_pdbx_audit_revision_group.ordinal 
_pdbx_audit_revision_group.revision_ordinal 
_pdbx_audit_revision_group.data_content_type 
_pdbx_audit_revision_group.group 
1  2 'Structure model' 'Version format compliance' 
2  3 'Structure model' 'Version format compliance' 
3  4 'Structure model' 'Data collection'           
4  4 'Structure model' 'Database references'       
5  4 'Structure model' 'Derived calculations'      
6  4 'Structure model' Other                       
7  4 'Structure model' 'Polymer sequence'          
8  5 'Structure model' 'Data collection'           
9  6 'Structure model' Advisory                    
10 6 'Structure model' 'Derived calculations'      
11 6 'Structure model' 'Structure summary'         
# 
loop_
_pdbx_audit_revision_category.ordinal 
_pdbx_audit_revision_category.revision_ordinal 
_pdbx_audit_revision_category.data_content_type 
_pdbx_audit_revision_category.category 
1  4 'Structure model' chem_comp                    
2  4 'Structure model' database_2                   
3  4 'Structure model' entity_poly                  
4  4 'Structure model' pdbx_database_status         
5  4 'Structure model' pdbx_struct_conn_angle       
6  4 'Structure model' struct_conn                  
7  5 'Structure model' chem_comp_atom               
8  5 'Structure model' chem_comp_bond               
9  6 'Structure model' database_PDB_caveat          
10 6 'Structure model' ndb_struct_conf_na           
11 6 'Structure model' ndb_struct_na_base_pair      
12 6 'Structure model' ndb_struct_na_base_pair_step 
13 6 'Structure model' pdbx_entry_details           
14 6 'Structure model' pdbx_struct_assembly         
15 6 'Structure model' pdbx_struct_assembly_gen     
16 6 'Structure model' pdbx_struct_oper_list        
17 6 'Structure model' struct_conn                  
# 
loop_
_pdbx_audit_revision_item.ordinal 
_pdbx_audit_revision_item.revision_ordinal 
_pdbx_audit_revision_item.data_content_type 
_pdbx_audit_revision_item.item 
1  4 'Structure model' '_chem_comp.mon_nstd_flag'                     
2  4 'Structure model' '_chem_comp.type'                              
3  4 'Structure model' '_database_2.pdbx_DOI'                         
4  4 'Structure model' '_database_2.pdbx_database_accession'          
5  4 'Structure model' '_entity_poly.pdbx_seq_one_letter_code_can'    
6  4 'Structure model' '_pdbx_database_status.status_code_sf'         
7  4 'Structure model' '_pdbx_struct_conn_angle.ptnr1_auth_seq_id'    
8  4 'Structure model' '_pdbx_struct_conn_angle.ptnr1_symmetry'       
9  4 'Structure model' '_pdbx_struct_conn_angle.ptnr3_auth_seq_id'    
10 4 'Structure model' '_pdbx_struct_conn_angle.ptnr3_symmetry'       
11 4 'Structure model' '_pdbx_struct_conn_angle.value'                
12 4 'Structure model' '_struct_conn.pdbx_dist_value'                 
13 4 'Structure model' '_struct_conn.pdbx_leaving_atom_flag'          
14 4 'Structure model' '_struct_conn.ptnr1_auth_comp_id'              
15 4 'Structure model' '_struct_conn.ptnr1_auth_seq_id'               
16 4 'Structure model' '_struct_conn.ptnr1_label_asym_id'             
17 4 'Structure model' '_struct_conn.ptnr1_label_atom_id'             
18 4 'Structure model' '_struct_conn.ptnr1_label_comp_id'             
19 4 'Structure model' '_struct_conn.ptnr1_label_seq_id'              
20 4 'Structure model' '_struct_conn.ptnr1_symmetry'                  
21 4 'Structure model' '_struct_conn.ptnr2_auth_comp_id'              
22 4 'Structure model' '_struct_conn.ptnr2_auth_seq_id'               
23 4 'Structure model' '_struct_conn.ptnr2_label_asym_id'             
24 4 'Structure model' '_struct_conn.ptnr2_label_atom_id'             
25 4 'Structure model' '_struct_conn.ptnr2_label_comp_id'             
26 4 'Structure model' '_struct_conn.ptnr2_label_seq_id'              
27 4 'Structure model' '_struct_conn.ptnr2_symmetry'                  
28 6 'Structure model' '_pdbx_entry_details.has_protein_modification' 
29 6 'Structure model' '_pdbx_struct_assembly.details'                
30 6 'Structure model' '_pdbx_struct_assembly.method_details'         
31 6 'Structure model' '_pdbx_struct_assembly.oligomeric_count'       
32 6 'Structure model' '_pdbx_struct_assembly.oligomeric_details'     
# 
loop_
_database_PDB_caveat.id 
_database_PDB_caveat.text 
1 'ZHP A 3 HAS WRONG CHIRALITY AT ATOM C2' 
2 'ZHP A 6 HAS WRONG CHIRALITY AT ATOM C2' 
# 
_pdbx_database_status.status_code                     REL 
_pdbx_database_status.entry_id                        2JJA 
_pdbx_database_status.deposit_site                    PDBE 
_pdbx_database_status.process_site                    PDBE 
_pdbx_database_status.SG_entry                        . 
_pdbx_database_status.recvd_initial_deposition_date   2008-03-28 
_pdbx_database_status.pdb_format_compatible           Y 
_pdbx_database_status.status_code_sf                  REL 
_pdbx_database_status.status_code_mr                  ? 
_pdbx_database_status.status_code_cs                  ? 
_pdbx_database_status.methods_development_category    ? 
_pdbx_database_status.status_code_nmr_data            ? 
# 
loop_
_audit_author.name 
_audit_author.pdbx_ordinal 
'Schlegel, M.K.' 1 
'Essen, L.-O.'   2 
'Meggers, E.'    3 
# 
_citation.id                        primary 
_citation.title                     'Duplex Structure of a Minimal Nucleic Acid.' 
_citation.journal_abbrev            J.Am.Chem.Soc. 
_citation.journal_volume            130 
_citation.page_first                8158 
_citation.page_last                 ? 
_citation.year                      2008 
_citation.journal_id_ASTM           JACSAT 
_citation.country                   US 
_citation.journal_id_ISSN           0002-7863 
_citation.journal_id_CSD            0004 
_citation.book_publisher            ? 
_citation.pdbx_database_id_PubMed   18529005 
_citation.pdbx_database_id_DOI      10.1021/JA802788G 
# 
loop_
_citation_author.citation_id 
_citation_author.name 
_citation_author.ordinal 
_citation_author.identifier_ORCID 
primary 'Schlegel, M.K.' 1 ? 
primary 'Essen, L.-O.'   2 ? 
primary 'Meggers, E.'    3 ? 
# 
loop_
_entity.id 
_entity.type 
_entity.src_method 
_entity.pdbx_description 
_entity.formula_weight 
_entity.pdbx_number_of_molecules 
_entity.pdbx_ec 
_entity.pdbx_mutation 
_entity.pdbx_fragment 
_entity.details 
1 polymer     syn GNA                     2079.336 1  ? ? ? 
;3'-(S)-((ZCY)P(ZGU)P(ZHP)P(ZAD)P(ZTH)P(ZHP)P(ZCY)P (ZGU))-2'
;
2 non-polymer syn 'COPPER (II) ION'       63.546   1  ? ? ? ?                                                              
3 non-polymer syn 'MAGNESIUM ION'         24.305   2  ? ? ? ?                                                              
4 non-polymer syn 'COBALT HEXAMMINE(III)' 161.116  2  ? ? ? ?                                                              
5 non-polymer syn 'SODIUM ION'            22.990   1  ? ? ? ?                                                              
6 water       nat water                   18.015   80 ? ? ? ?                                                              
# 
_entity_poly.entity_id                      1 
_entity_poly.type                           polyribonucleotide 
_entity_poly.nstd_linkage                   no 
_entity_poly.nstd_monomer                   yes 
_entity_poly.pdbx_seq_one_letter_code       '(ZCY)(ZGU)(ZHP)(ZAD)(ZTH)(ZHP)(ZCY)(ZGU)' 
_entity_poly.pdbx_seq_one_letter_code_can   CGNAXNCG 
_entity_poly.pdbx_strand_id                 A 
_entity_poly.pdbx_target_identifier         ? 
# 
loop_
_pdbx_entity_nonpoly.entity_id 
_pdbx_entity_nonpoly.name 
_pdbx_entity_nonpoly.comp_id 
2 'COPPER (II) ION'       CU  
3 'MAGNESIUM ION'         MG  
4 'COBALT HEXAMMINE(III)' NCO 
5 'SODIUM ION'            NA  
6 water                   HOH 
# 
loop_
_entity_poly_seq.entity_id 
_entity_poly_seq.num 
_entity_poly_seq.mon_id 
_entity_poly_seq.hetero 
1 1 ZCY n 
1 2 ZGU n 
1 3 ZHP n 
1 4 ZAD n 
1 5 ZTH n 
1 6 ZHP n 
1 7 ZCY n 
1 8 ZGU n 
# 
_pdbx_entity_src_syn.entity_id              1 
_pdbx_entity_src_syn.pdbx_src_id            1 
_pdbx_entity_src_syn.pdbx_alt_source_flag   sample 
_pdbx_entity_src_syn.pdbx_beg_seq_num       ? 
_pdbx_entity_src_syn.pdbx_end_seq_num       ? 
_pdbx_entity_src_syn.organism_scientific    'SYNTHETIC CONSTRUCT' 
_pdbx_entity_src_syn.organism_common_name   ? 
_pdbx_entity_src_syn.ncbi_taxonomy_id       32630 
_pdbx_entity_src_syn.details                ? 
# 
loop_
_chem_comp.id 
_chem_comp.type 
_chem_comp.mon_nstd_flag 
_chem_comp.name 
_chem_comp.pdbx_synonyms 
_chem_comp.formula 
_chem_comp.formula_weight 
CU  non-polymer   . 'COPPER (II) ION'                                ? 'Cu 2'           63.546  
HOH non-polymer   . WATER                                            ? 'H2 O'           18.015  
MG  non-polymer   . 'MAGNESIUM ION'                                  ? 'Mg 2'           24.305  
NA  non-polymer   . 'SODIUM ION'                                     ? 'Na 1'           22.990  
NCO non-polymer   . 'COBALT HEXAMMINE(III)'                          ? 'Co H18 N6 3'    161.116 
ZAD 'RNA linking' n "(S)-1'-(2',3'-DIHYDROXYPROPYL)-ADENINE"         ? 'C8 H12 N5 O5 P' 289.185 
ZCY 'RNA linking' n "(S)-1'-(2',3'-DIHYDROXYPROPYL)-CYTOSINE"        ? 'C7 H12 N3 O6 P' 265.160 
ZGU 'RNA linking' n "(S)-1'-(2',3'-DIHYDROXYPROPYL)-GUANINE"         ? 'C8 H12 N5 O6 P' 305.185 
ZHP 'RNA linking' . "(S)-1'-(2',3'-DIHYDROXYPROPYL)-HYDROXYPYRIDONE" ? 'C9 H14 N O7 P'  279.184 
ZTH non-polymer   . "(S)-1'-(2',3'-DIHYDROXYPROPYL)-THYMINE"         ? 'C8 H13 N2 O7 P' 280.172 
# 
loop_
_pdbx_poly_seq_scheme.asym_id 
_pdbx_poly_seq_scheme.entity_id 
_pdbx_poly_seq_scheme.seq_id 
_pdbx_poly_seq_scheme.mon_id 
_pdbx_poly_seq_scheme.ndb_seq_num 
_pdbx_poly_seq_scheme.pdb_seq_num 
_pdbx_poly_seq_scheme.auth_seq_num 
_pdbx_poly_seq_scheme.pdb_mon_id 
_pdbx_poly_seq_scheme.auth_mon_id 
_pdbx_poly_seq_scheme.pdb_strand_id 
_pdbx_poly_seq_scheme.pdb_ins_code 
_pdbx_poly_seq_scheme.hetero 
A 1 1 ZCY 1 1 1 ZCY ZCY A . n 
A 1 2 ZGU 2 2 2 ZGU ZGU A . n 
A 1 3 ZHP 3 3 3 ZHP ZHP A . n 
A 1 4 ZAD 4 4 4 ZAD ZAD A . n 
A 1 5 ZTH 5 5 5 ZTH ZTH A . n 
A 1 6 ZHP 6 6 6 ZHP ZHP A . n 
A 1 7 ZCY 7 7 7 ZCY ZCY A . n 
A 1 8 ZGU 8 8 8 ZGU ZGU A . n 
# 
loop_
_pdbx_nonpoly_scheme.asym_id 
_pdbx_nonpoly_scheme.entity_id 
_pdbx_nonpoly_scheme.mon_id 
_pdbx_nonpoly_scheme.ndb_seq_num 
_pdbx_nonpoly_scheme.pdb_seq_num 
_pdbx_nonpoly_scheme.auth_seq_num 
_pdbx_nonpoly_scheme.pdb_mon_id 
_pdbx_nonpoly_scheme.auth_mon_id 
_pdbx_nonpoly_scheme.pdb_strand_id 
_pdbx_nonpoly_scheme.pdb_ins_code 
B 2 CU  1  1001 1001 CU  CU  A . 
C 3 MG  1  1002 1002 MG  MG  A . 
D 3 MG  1  1003 1003 MG  MG  A . 
E 4 NCO 1  1004 1004 NCO NCO A . 
F 4 NCO 1  1005 1005 NCO NCO A . 
G 5 NA  1  1006 1006 NA  NA  A . 
H 6 HOH 1  2001 2001 HOH HOH A . 
H 6 HOH 2  2002 2002 HOH HOH A . 
H 6 HOH 3  2003 2003 HOH HOH A . 
H 6 HOH 4  2004 2004 HOH HOH A . 
H 6 HOH 5  2005 2005 HOH HOH A . 
H 6 HOH 6  2006 2006 HOH HOH A . 
H 6 HOH 7  2007 2007 HOH HOH A . 
H 6 HOH 8  2008 2008 HOH HOH A . 
H 6 HOH 9  2009 2009 HOH HOH A . 
H 6 HOH 10 2010 2010 HOH HOH A . 
H 6 HOH 11 2011 2011 HOH HOH A . 
H 6 HOH 12 2012 2012 HOH HOH A . 
H 6 HOH 13 2013 2013 HOH HOH A . 
H 6 HOH 14 2014 2014 HOH HOH A . 
H 6 HOH 15 2015 2015 HOH HOH A . 
H 6 HOH 16 2016 2016 HOH HOH A . 
H 6 HOH 17 2017 2017 HOH HOH A . 
H 6 HOH 18 2018 2018 HOH HOH A . 
H 6 HOH 19 2019 2019 HOH HOH A . 
H 6 HOH 20 2020 2020 HOH HOH A . 
H 6 HOH 21 2021 2021 HOH HOH A . 
H 6 HOH 22 2022 2022 HOH HOH A . 
H 6 HOH 23 2023 2023 HOH HOH A . 
H 6 HOH 24 2024 2024 HOH HOH A . 
H 6 HOH 25 2025 2025 HOH HOH A . 
H 6 HOH 26 2026 2026 HOH HOH A . 
H 6 HOH 27 2027 2027 HOH HOH A . 
H 6 HOH 28 2028 2028 HOH HOH A . 
H 6 HOH 29 2029 2029 HOH HOH A . 
H 6 HOH 30 2030 2030 HOH HOH A . 
H 6 HOH 31 2031 2031 HOH HOH A . 
H 6 HOH 32 2032 2032 HOH HOH A . 
H 6 HOH 33 2033 2033 HOH HOH A . 
H 6 HOH 34 2034 2034 HOH HOH A . 
H 6 HOH 35 2035 2035 HOH HOH A . 
H 6 HOH 36 2036 2036 HOH HOH A . 
H 6 HOH 37 2037 2037 HOH HOH A . 
H 6 HOH 38 2038 2038 HOH HOH A . 
H 6 HOH 39 2039 2039 HOH HOH A . 
H 6 HOH 40 2040 2040 HOH HOH A . 
H 6 HOH 41 2041 2041 HOH HOH A . 
H 6 HOH 42 2042 2042 HOH HOH A . 
H 6 HOH 43 2043 2043 HOH HOH A . 
H 6 HOH 44 2044 2044 HOH HOH A . 
H 6 HOH 45 2045 2045 HOH HOH A . 
H 6 HOH 46 2046 2046 HOH HOH A . 
H 6 HOH 47 2047 2047 HOH HOH A . 
H 6 HOH 48 2048 2048 HOH HOH A . 
H 6 HOH 49 2049 2049 HOH HOH A . 
H 6 HOH 50 2050 2050 HOH HOH A . 
H 6 HOH 51 2051 2051 HOH HOH A . 
H 6 HOH 52 2052 2052 HOH HOH A . 
H 6 HOH 53 2053 2053 HOH HOH A . 
H 6 HOH 54 2054 2054 HOH HOH A . 
H 6 HOH 55 2055 2055 HOH HOH A . 
H 6 HOH 56 2056 2056 HOH HOH A . 
H 6 HOH 57 2057 2057 HOH HOH A . 
H 6 HOH 58 2058 2058 HOH HOH A . 
H 6 HOH 59 2059 2059 HOH HOH A . 
H 6 HOH 60 2060 2060 HOH HOH A . 
H 6 HOH 61 2061 2061 HOH HOH A . 
H 6 HOH 62 2062 2062 HOH HOH A . 
H 6 HOH 63 2063 2063 HOH HOH A . 
H 6 HOH 64 2064 2064 HOH HOH A . 
H 6 HOH 65 2065 2065 HOH HOH A . 
H 6 HOH 66 2066 2066 HOH HOH A . 
H 6 HOH 67 2067 2067 HOH HOH A . 
H 6 HOH 68 2068 2068 HOH HOH A . 
H 6 HOH 69 2069 2069 HOH HOH A . 
H 6 HOH 70 2070 2070 HOH HOH A . 
H 6 HOH 71 2071 2071 HOH HOH A . 
H 6 HOH 72 2072 2072 HOH HOH A . 
H 6 HOH 73 2073 2073 HOH HOH A . 
H 6 HOH 74 2074 2074 HOH HOH A . 
H 6 HOH 75 2075 2075 HOH HOH A . 
H 6 HOH 76 2076 2076 HOH HOH A . 
H 6 HOH 77 2077 2077 HOH HOH A . 
H 6 HOH 78 2078 2078 HOH HOH A . 
H 6 HOH 79 2079 2079 HOH HOH A . 
H 6 HOH 80 2080 2080 HOH HOH A . 
# 
loop_
_software.name 
_software.classification 
_software.version 
_software.citation_id 
_software.pdbx_ordinal 
_software.date 
_software.type 
_software.location 
_software.language 
REFMAC refinement       5.2.0019 ? 1 ? ? ? ? 
XDS    'data reduction' .        ? 2 ? ? ? ? 
XSCALE 'data scaling'   .        ? 3 ? ? ? ? 
# 
_cell.entry_id           2JJA 
_cell.length_a           18.160 
_cell.length_b           48.590 
_cell.length_c           59.870 
_cell.angle_alpha        90.00 
_cell.angle_beta         90.00 
_cell.angle_gamma        90.00 
_cell.Z_PDB              8 
_cell.pdbx_unique_axis   ? 
# 
_symmetry.entry_id                         2JJA 
_symmetry.space_group_name_H-M             'I 21 21 21' 
_symmetry.pdbx_full_space_group_name_H-M   ? 
_symmetry.cell_setting                     ? 
_symmetry.Int_Tables_number                24 
# 
_exptl.entry_id          2JJA 
_exptl.method            'X-RAY DIFFRACTION' 
_exptl.crystals_number   1 
# 
_exptl_crystal.id                    1 
_exptl_crystal.density_meas          ? 
_exptl_crystal.density_Matthews      2.02 
_exptl_crystal.density_percent_sol   38.50 
_exptl_crystal.description           NONE 
_exptl_crystal.preparation           ? 
# 
_exptl_crystal_grow.crystal_id      1 
_exptl_crystal_grow.method          ? 
_exptl_crystal_grow.temp            ? 
_exptl_crystal_grow.temp_details    ? 
_exptl_crystal_grow.pH              5.5 
_exptl_crystal_grow.pdbx_pH_range   ? 
_exptl_crystal_grow.pdbx_details    '10% MPD, 40 MM SODIUM CACODYLATE, PH=5.5, 20 MM COBALT HEXAMINE, 80 MM NACL, 20 MM MGCL2.' 
# 
_diffrn.id                     1 
_diffrn.ambient_temp           100 
_diffrn.ambient_temp_details   ? 
_diffrn.crystal_id             1 
# 
_diffrn_detector.diffrn_id              1 
_diffrn_detector.detector               CCD 
_diffrn_detector.type                   'ADSC CCD' 
_diffrn_detector.pdbx_collection_date   2007-11-24 
_diffrn_detector.details                MIRRORS 
# 
_diffrn_radiation.diffrn_id                        1 
_diffrn_radiation.wavelength_id                    1 
_diffrn_radiation.pdbx_monochromatic_or_laue_m_l   M 
_diffrn_radiation.monochromator                    ? 
_diffrn_radiation.pdbx_diffrn_protocol             'SINGLE WAVELENGTH' 
_diffrn_radiation.pdbx_scattering_type             x-ray 
# 
_diffrn_radiation_wavelength.id           1 
_diffrn_radiation_wavelength.wavelength   0.80000 
_diffrn_radiation_wavelength.wt           1.0 
# 
_diffrn_source.diffrn_id                   1 
_diffrn_source.source                      SYNCHROTRON 
_diffrn_source.type                        'ESRF BEAMLINE ID23-1' 
_diffrn_source.pdbx_synchrotron_site       ESRF 
_diffrn_source.pdbx_synchrotron_beamline   ID23-1 
_diffrn_source.pdbx_wavelength             0.80000 
_diffrn_source.pdbx_wavelength_list        ? 
# 
_reflns.pdbx_diffrn_id               1 
_reflns.pdbx_ordinal                 1 
_reflns.entry_id                     2JJA 
_reflns.observed_criterion_sigma_I   -3.0 
_reflns.observed_criterion_sigma_F   ? 
_reflns.d_resolution_low             10.00 
_reflns.d_resolution_high            1.30 
_reflns.number_obs                   7095 
_reflns.number_all                   ? 
_reflns.percent_possible_obs         99.1 
_reflns.pdbx_Rmerge_I_obs            0.08 
_reflns.pdbx_Rsym_value              ? 
_reflns.pdbx_netI_over_sigmaI        20.40 
_reflns.B_iso_Wilson_estimate        ? 
_reflns.pdbx_redundancy              11.2 
# 
_reflns_shell.pdbx_diffrn_id         1 
_reflns_shell.pdbx_ordinal           1 
_reflns_shell.d_res_high             1.30 
_reflns_shell.d_res_low              1.33 
_reflns_shell.percent_possible_all   99.8 
_reflns_shell.Rmerge_I_obs           0.30 
_reflns_shell.pdbx_Rsym_value        ? 
_reflns_shell.meanI_over_sigI_obs    4.00 
_reflns_shell.pdbx_redundancy        ? 
# 
_refine.pdbx_refine_id                           'X-RAY DIFFRACTION' 
_refine.entry_id                                 2JJA 
_refine.pdbx_diffrn_id                           1 
_refine.pdbx_TLS_residual_ADP_flag               ? 
_refine.ls_number_reflns_obs                     6289 
_refine.ls_number_reflns_all                     ? 
_refine.pdbx_ls_sigma_I                          ? 
_refine.pdbx_ls_sigma_F                          ? 
_refine.pdbx_data_cutoff_high_absF               ? 
_refine.pdbx_data_cutoff_low_absF                ? 
_refine.pdbx_data_cutoff_high_rms_absF           ? 
_refine.ls_d_res_low                             10.00 
_refine.ls_d_res_high                            1.30 
_refine.ls_percent_reflns_obs                    99.0 
_refine.ls_R_factor_obs                          0.126 
_refine.ls_R_factor_all                          ? 
_refine.ls_R_factor_R_work                       0.124 
_refine.ls_R_factor_R_free                       0.148 
_refine.ls_R_factor_R_free_error                 ? 
_refine.ls_R_factor_R_free_error_details         ? 
_refine.ls_percent_reflns_R_free                 7.100 
_refine.ls_number_reflns_R_free                  479 
_refine.ls_number_parameters                     ? 
_refine.ls_number_restraints                     ? 
_refine.occupancy_min                            ? 
_refine.occupancy_max                            ? 
_refine.correlation_coeff_Fo_to_Fc               0.978 
_refine.correlation_coeff_Fo_to_Fc_free          0.978 
_refine.B_iso_mean                               13.68 
_refine.aniso_B[1][1]                            -0.82000 
_refine.aniso_B[2][2]                            0.91000 
_refine.aniso_B[3][3]                            -0.09000 
_refine.aniso_B[1][2]                            0.00000 
_refine.aniso_B[1][3]                            0.00000 
_refine.aniso_B[2][3]                            0.00000 
_refine.solvent_model_details                    MASK 
_refine.solvent_model_param_ksol                 ? 
_refine.solvent_model_param_bsol                 ? 
_refine.pdbx_solvent_vdw_probe_radii             1.40 
_refine.pdbx_solvent_ion_probe_radii             0.80 
_refine.pdbx_solvent_shrinkage_radii             0.80 
_refine.pdbx_ls_cross_valid_method               THROUGHOUT 
_refine.details                                  'HYDROGENS HAVE BEEN ADDED IN THE RIDING POSITIONS.' 
_refine.pdbx_starting_model                      NONE 
_refine.pdbx_method_to_determine_struct          MAD 
_refine.pdbx_isotropic_thermal_model             ? 
_refine.pdbx_stereochemistry_target_values       'MAXIMUM LIKELIHOOD' 
_refine.pdbx_stereochem_target_val_spec_case     ? 
_refine.pdbx_R_Free_selection_details            RANDOM 
_refine.pdbx_overall_ESU_R                       0.039 
_refine.pdbx_overall_ESU_R_Free                  0.038 
_refine.overall_SU_ML                            0.024 
_refine.pdbx_overall_phase_error                 ? 
_refine.overall_SU_B                             1.300 
_refine.overall_SU_R_Cruickshank_DPI             ? 
_refine.pdbx_overall_SU_R_free_Cruickshank_DPI   ? 
_refine.pdbx_overall_SU_R_Blow_DPI               ? 
_refine.pdbx_overall_SU_R_free_Blow_DPI          ? 
# 
_refine_hist.pdbx_refine_id                   'X-RAY DIFFRACTION' 
_refine_hist.cycle_id                         LAST 
_refine_hist.pdbx_number_atoms_protein        0 
_refine_hist.pdbx_number_atoms_nucleic_acid   136 
_refine_hist.pdbx_number_atoms_ligand         18 
_refine_hist.number_atoms_solvent             80 
_refine_hist.number_atoms_total               234 
_refine_hist.d_res_high                       1.30 
_refine_hist.d_res_low                        10.00 
# 
loop_
_refine_ls_restr.type 
_refine_ls_restr.dev_ideal 
_refine_ls_restr.dev_ideal_target 
_refine_ls_restr.weight 
_refine_ls_restr.number 
_refine_ls_restr.pdbx_refine_id 
_refine_ls_restr.pdbx_restraint_function 
r_bond_refined_d             0.015 0.020 ? 160 'X-RAY DIFFRACTION' ? 
r_bond_other_d               0.007 0.020 ? 76  'X-RAY DIFFRACTION' ? 
r_angle_refined_deg          2.074 3.000 ? 219 'X-RAY DIFFRACTION' ? 
r_angle_other_deg            0.955 3.000 ? 163 'X-RAY DIFFRACTION' ? 
r_dihedral_angle_1_deg       ?     ?     ? ?   'X-RAY DIFFRACTION' ? 
r_dihedral_angle_2_deg       ?     ?     ? ?   'X-RAY DIFFRACTION' ? 
r_dihedral_angle_3_deg       ?     ?     ? ?   'X-RAY DIFFRACTION' ? 
r_dihedral_angle_4_deg       ?     ?     ? ?   'X-RAY DIFFRACTION' ? 
r_chiral_restr               0.061 0.200 ? 8   'X-RAY DIFFRACTION' ? 
r_gen_planes_refined         0.013 0.020 ? 87  'X-RAY DIFFRACTION' ? 
r_gen_planes_other           0.001 0.020 ? 32  'X-RAY DIFFRACTION' ? 
r_nbd_refined                0.092 0.200 ? 16  'X-RAY DIFFRACTION' ? 
r_nbd_other                  0.188 0.200 ? 102 'X-RAY DIFFRACTION' ? 
r_nbtor_refined              0.273 0.200 ? 54  'X-RAY DIFFRACTION' ? 
r_nbtor_other                0.085 0.200 ? 42  'X-RAY DIFFRACTION' ? 
r_xyhbond_nbd_refined        0.189 0.200 ? 46  'X-RAY DIFFRACTION' ? 
r_xyhbond_nbd_other          ?     ?     ? ?   'X-RAY DIFFRACTION' ? 
r_metal_ion_refined          ?     ?     ? ?   'X-RAY DIFFRACTION' ? 
r_metal_ion_other            ?     ?     ? ?   'X-RAY DIFFRACTION' ? 
r_symmetry_vdw_refined       0.212 0.200 ? 16  'X-RAY DIFFRACTION' ? 
r_symmetry_vdw_other         0.545 0.200 ? 45  'X-RAY DIFFRACTION' ? 
r_symmetry_hbond_refined     0.204 0.200 ? 25  'X-RAY DIFFRACTION' ? 
r_symmetry_hbond_other       ?     ?     ? ?   'X-RAY DIFFRACTION' ? 
r_symmetry_metal_ion_refined ?     ?     ? ?   'X-RAY DIFFRACTION' ? 
r_symmetry_metal_ion_other   ?     ?     ? ?   'X-RAY DIFFRACTION' ? 
r_mcbond_it                  ?     ?     ? ?   'X-RAY DIFFRACTION' ? 
r_mcbond_other               ?     ?     ? ?   'X-RAY DIFFRACTION' ? 
r_mcangle_it                 ?     ?     ? ?   'X-RAY DIFFRACTION' ? 
r_mcangle_other              ?     ?     ? ?   'X-RAY DIFFRACTION' ? 
r_scbond_it                  3.162 2.000 ? 195 'X-RAY DIFFRACTION' ? 
r_scbond_other               ?     ?     ? ?   'X-RAY DIFFRACTION' ? 
r_scangle_it                 3.755 3.000 ? 219 'X-RAY DIFFRACTION' ? 
r_scangle_other              ?     ?     ? ?   'X-RAY DIFFRACTION' ? 
r_long_range_B_refined       ?     ?     ? ?   'X-RAY DIFFRACTION' ? 
r_long_range_B_other         ?     ?     ? ?   'X-RAY DIFFRACTION' ? 
r_rigid_bond_restr           ?     ?     ? ?   'X-RAY DIFFRACTION' ? 
r_sphericity_free            ?     ?     ? ?   'X-RAY DIFFRACTION' ? 
r_sphericity_bonded          ?     ?     ? ?   'X-RAY DIFFRACTION' ? 
# 
_refine_ls_shell.pdbx_refine_id                   'X-RAY DIFFRACTION' 
_refine_ls_shell.pdbx_total_number_of_bins_used   20 
_refine_ls_shell.d_res_high                       1.30 
_refine_ls_shell.d_res_low                        1.33 
_refine_ls_shell.number_reflns_R_work             432 
_refine_ls_shell.R_factor_R_work                  0.1910 
_refine_ls_shell.percent_reflns_obs               ? 
_refine_ls_shell.R_factor_R_free                  0.2260 
_refine_ls_shell.R_factor_R_free_error            ? 
_refine_ls_shell.percent_reflns_R_free            ? 
_refine_ls_shell.number_reflns_R_free             33 
_refine_ls_shell.number_reflns_all                ? 
_refine_ls_shell.R_factor_all                     ? 
# 
_struct.entry_id                  2JJA 
_struct.title                     'Crystal structure of GNA with synthetic copper base pair' 
_struct.pdbx_model_details        ? 
_struct.pdbx_CASP_flag            ? 
_struct.pdbx_model_type_details   ? 
# 
_struct_keywords.entry_id        2JJA 
_struct_keywords.pdbx_keywords   RNA 
_struct_keywords.text            'NUCLEIC ACID, SYNTHETIC BASE PAIR, GLYCOL NUCLEIC ACID, GNA, RNA' 
# 
loop_
_struct_asym.id 
_struct_asym.pdbx_blank_PDB_chainid_flag 
_struct_asym.pdbx_modified 
_struct_asym.entity_id 
_struct_asym.details 
A N N 1 ? 
B N N 2 ? 
C N N 3 ? 
D N N 3 ? 
E N N 4 ? 
F N N 4 ? 
G N N 5 ? 
H N N 6 ? 
# 
_struct_ref.id                         1 
_struct_ref.db_name                    PDB 
_struct_ref.db_code                    2JJA 
_struct_ref.entity_id                  1 
_struct_ref.pdbx_seq_one_letter_code   ? 
_struct_ref.pdbx_align_begin           ? 
_struct_ref.pdbx_db_accession          2JJA 
_struct_ref.pdbx_db_isoform            ? 
# 
_struct_ref_seq.align_id                      1 
_struct_ref_seq.ref_id                        1 
_struct_ref_seq.pdbx_PDB_id_code              2JJA 
_struct_ref_seq.pdbx_strand_id                A 
_struct_ref_seq.seq_align_beg                 1 
_struct_ref_seq.pdbx_seq_align_beg_ins_code   ? 
_struct_ref_seq.seq_align_end                 8 
_struct_ref_seq.pdbx_seq_align_end_ins_code   ? 
_struct_ref_seq.pdbx_db_accession             2JJA 
_struct_ref_seq.db_align_beg                  1 
_struct_ref_seq.pdbx_db_align_beg_ins_code    ? 
_struct_ref_seq.db_align_end                  8 
_struct_ref_seq.pdbx_db_align_end_ins_code    ? 
_struct_ref_seq.pdbx_auth_seq_align_beg       1 
_struct_ref_seq.pdbx_auth_seq_align_end       8 
# 
_pdbx_struct_assembly.id                   1 
_pdbx_struct_assembly.details              author_defined_assembly 
_pdbx_struct_assembly.method_details       ? 
_pdbx_struct_assembly.oligomeric_details   dimeric 
_pdbx_struct_assembly.oligomeric_count     2 
# 
loop_
_pdbx_struct_assembly_gen.assembly_id 
_pdbx_struct_assembly_gen.oper_expression 
_pdbx_struct_assembly_gen.asym_id_list 
1 1 A,B,C,D,E,F,G,H 
1 2 A,B,C,D,E,F,G,H 
# 
loop_
_pdbx_struct_oper_list.id 
_pdbx_struct_oper_list.type 
_pdbx_struct_oper_list.name 
_pdbx_struct_oper_list.symmetry_operation 
_pdbx_struct_oper_list.matrix[1][1] 
_pdbx_struct_oper_list.matrix[1][2] 
_pdbx_struct_oper_list.matrix[1][3] 
_pdbx_struct_oper_list.vector[1] 
_pdbx_struct_oper_list.matrix[2][1] 
_pdbx_struct_oper_list.matrix[2][2] 
_pdbx_struct_oper_list.matrix[2][3] 
_pdbx_struct_oper_list.vector[2] 
_pdbx_struct_oper_list.matrix[3][1] 
_pdbx_struct_oper_list.matrix[3][2] 
_pdbx_struct_oper_list.matrix[3][3] 
_pdbx_struct_oper_list.vector[3] 
1 'identity operation'         1_555 x,y,z       1.0000000000  0.0000000000  0.0000000000  0.0000000000  0.0000000000  1.0000000000 0.0000000000 0.0000000000 0.0000000000  0.0000000000 1.0000000000  0.0000000000  
2 'crystal symmetry operation' 8_555 x,-y,-z+1/2 -0.9999512577 -0.0097430817 -0.0015983185 -6.5280732653 -0.0097430817 0.9475404951 0.3194872180 0.0083407617 -0.0015983185 0.3194872180 -0.9475892374 -0.2499239969 
# 
loop_
_struct_conn.id 
_struct_conn.conn_type_id 
_struct_conn.pdbx_leaving_atom_flag 
_struct_conn.pdbx_PDB_id 
_struct_conn.ptnr1_label_asym_id 
_struct_conn.ptnr1_label_comp_id 
_struct_conn.ptnr1_label_seq_id 
_struct_conn.ptnr1_label_atom_id 
_struct_conn.pdbx_ptnr1_label_alt_id 
_struct_conn.pdbx_ptnr1_PDB_ins_code 
_struct_conn.pdbx_ptnr1_standard_comp_id 
_struct_conn.ptnr1_symmetry 
_struct_conn.ptnr2_label_asym_id 
_struct_conn.ptnr2_label_comp_id 
_struct_conn.ptnr2_label_seq_id 
_struct_conn.ptnr2_label_atom_id 
_struct_conn.pdbx_ptnr2_label_alt_id 
_struct_conn.pdbx_ptnr2_PDB_ins_code 
_struct_conn.ptnr1_auth_asym_id 
_struct_conn.ptnr1_auth_comp_id 
_struct_conn.ptnr1_auth_seq_id 
_struct_conn.ptnr2_auth_asym_id 
_struct_conn.ptnr2_auth_comp_id 
_struct_conn.ptnr2_auth_seq_id 
_struct_conn.ptnr2_symmetry 
_struct_conn.pdbx_ptnr3_label_atom_id 
_struct_conn.pdbx_ptnr3_label_seq_id 
_struct_conn.pdbx_ptnr3_label_comp_id 
_struct_conn.pdbx_ptnr3_label_asym_id 
_struct_conn.pdbx_ptnr3_label_alt_id 
_struct_conn.pdbx_ptnr3_PDB_ins_code 
_struct_conn.details 
_struct_conn.pdbx_dist_value 
_struct_conn.pdbx_value_order 
_struct_conn.pdbx_role 
covale1  covale one ? A ZCY 1 O2G ? ? ? 1_555 A ZGU 2 P  ? ? A ZCY 1    A ZGU 2    1_555 ? ? ? ? ? ? ?            1.571 ? ? 
covale2  covale one ? A ZGU 2 O2G ? ? ? 1_555 A ZHP 3 P  ? ? A ZGU 2    A ZHP 3    1_555 ? ? ? ? ? ? ?            1.561 ? ? 
covale3  covale one ? A ZHP 3 O2G ? ? ? 1_555 A ZAD 4 P  ? ? A ZHP 3    A ZAD 4    1_555 ? ? ? ? ? ? ?            1.579 ? ? 
covale4  covale one ? A ZAD 4 O2G ? ? ? 1_555 A ZTH 5 P  ? ? A ZAD 4    A ZTH 5    1_555 ? ? ? ? ? ? ?            1.587 ? ? 
covale5  covale one ? A ZTH 5 O2G ? ? ? 1_555 A ZHP 6 P  ? ? A ZTH 5    A ZHP 6    1_555 ? ? ? ? ? ? ?            1.573 ? ? 
covale6  covale one ? A ZHP 6 O2G ? ? ? 1_555 A ZCY 7 P  ? ? A ZHP 6    A ZCY 7    1_555 ? ? ? ? ? ? ?            1.575 ? ? 
covale7  covale one ? A ZCY 7 O2G ? ? ? 1_555 A ZGU 8 P  ? ? A ZCY 7    A ZGU 8    1_555 ? ? ? ? ? ? ?            1.570 ? ? 
metalc1  metalc ?   ? A ZHP 3 O3  ? ? ? 8_555 B CU  . CU ? ? A ZHP 3    A CU  1001 1_555 ? ? ? ? ? ? ?            2.004 ? ? 
metalc2  metalc ?   ? A ZHP 3 O4  ? ? ? 8_555 B CU  . CU ? ? A ZHP 3    A CU  1001 1_555 ? ? ? ? ? ? ?            1.962 ? ? 
metalc3  metalc ?   ? A ZHP 6 O3  ? ? ? 1_555 B CU  . CU ? ? A ZHP 6    A CU  1001 1_555 ? ? ? ? ? ? ?            1.851 ? ? 
metalc4  metalc ?   ? A ZHP 6 O4  ? ? ? 1_555 B CU  . CU ? ? A ZHP 6    A CU  1001 1_555 ? ? ? ? ? ? ?            1.958 ? ? 
metalc5  metalc ?   ? C MG  . MG  ? ? ? 1_555 H HOH . O  ? ? A MG  1002 A HOH 2009 8_555 ? ? ? ? ? ? ?            1.941 ? ? 
metalc6  metalc ?   ? C MG  . MG  ? ? ? 1_555 H HOH . O  ? ? A MG  1002 A HOH 2023 8_655 ? ? ? ? ? ? ?            2.058 ? ? 
metalc7  metalc ?   ? C MG  . MG  ? ? ? 1_555 H HOH . O  ? ? A MG  1002 A HOH 2038 8_555 ? ? ? ? ? ? ?            2.011 ? ? 
metalc8  metalc ?   ? C MG  . MG  ? ? ? 1_555 H HOH . O  ? ? A MG  1002 A HOH 2039 8_655 ? ? ? ? ? ? ?            2.112 ? ? 
metalc9  metalc ?   ? C MG  . MG  ? ? ? 1_555 H HOH . O  ? ? A MG  1002 A HOH 2046 8_555 ? ? ? ? ? ? ?            2.140 ? ? 
metalc10 metalc ?   ? C MG  . MG  ? ? ? 1_555 H HOH . O  ? ? A MG  1002 A HOH 2060 1_555 ? ? ? ? ? ? ?            2.347 ? ? 
metalc11 metalc ?   ? D MG  . MG  ? ? ? 1_555 H HOH . O  ? ? A MG  1003 A HOH 2036 7_556 ? ? ? ? ? ? ?            1.768 ? ? 
metalc12 metalc ?   ? D MG  . MG  ? ? ? 1_555 H HOH . O  ? ? A MG  1003 A HOH 2036 1_555 ? ? ? ? ? ? ?            2.471 ? ? 
metalc13 metalc ?   ? D MG  . MG  ? ? ? 1_555 H HOH . O  ? ? A MG  1003 A HOH 2072 7_556 ? ? ? ? ? ? ?            2.426 ? ? 
metalc14 metalc ?   ? D MG  . MG  ? ? ? 1_555 H HOH . O  ? ? A MG  1003 A HOH 2072 1_555 ? ? ? ? ? ? ?            2.334 ? ? 
metalc15 metalc ?   ? D MG  . MG  ? ? ? 1_555 H HOH . O  ? ? A MG  1003 A HOH 2073 7_556 ? ? ? ? ? ? ?            1.910 ? ? 
metalc16 metalc ?   ? D MG  . MG  ? ? ? 1_555 H HOH . O  ? ? A MG  1003 A HOH 2073 1_555 ? ? ? ? ? ? ?            2.381 ? ? 
metalc17 metalc ?   ? G NA  . NA  ? ? ? 1_555 H HOH . O  ? ? A NA  1006 A HOH 2008 1_555 ? ? ? ? ? ? ?            2.286 ? ? 
metalc18 metalc ?   ? G NA  . NA  ? ? ? 1_555 H HOH . O  ? ? A NA  1006 A HOH 2029 1_555 ? ? ? ? ? ? ?            2.037 ? ? 
metalc19 metalc ?   ? G NA  . NA  ? ? ? 1_555 H HOH . O  ? ? A NA  1006 A HOH 2037 1_555 ? ? ? ? ? ? ?            2.084 ? ? 
metalc20 metalc ?   ? G NA  . NA  ? ? ? 1_555 H HOH . O  ? ? A NA  1006 A HOH 2041 1_555 ? ? ? ? ? ? ?            2.568 ? ? 
hydrog1  hydrog ?   ? A ZCY 1 N3  ? ? ? 1_555 A ZGU 8 N1 ? ? A ZCY 1    A ZGU 8    8_555 ? ? ? ? ? ? WATSON-CRICK ?     ? ? 
hydrog2  hydrog ?   ? A ZCY 1 N4  ? ? ? 1_555 A ZGU 8 O6 ? ? A ZCY 1    A ZGU 8    8_555 ? ? ? ? ? ? WATSON-CRICK ?     ? ? 
hydrog3  hydrog ?   ? A ZCY 1 O2  ? ? ? 1_555 A ZGU 8 N2 ? ? A ZCY 1    A ZGU 8    8_555 ? ? ? ? ? ? WATSON-CRICK ?     ? ? 
hydrog4  hydrog ?   ? A ZGU 2 N1  ? ? ? 1_555 A ZCY 7 N3 ? ? A ZGU 2    A ZCY 7    8_555 ? ? ? ? ? ? WATSON-CRICK ?     ? ? 
hydrog5  hydrog ?   ? A ZGU 2 N2  ? ? ? 1_555 A ZCY 7 O2 ? ? A ZGU 2    A ZCY 7    8_555 ? ? ? ? ? ? WATSON-CRICK ?     ? ? 
hydrog6  hydrog ?   ? A ZGU 2 O6  ? ? ? 1_555 A ZCY 7 N4 ? ? A ZGU 2    A ZCY 7    8_555 ? ? ? ? ? ? WATSON-CRICK ?     ? ? 
hydrog7  hydrog ?   ? A ZCY 7 N3  ? ? ? 1_555 A ZGU 2 N1 ? ? A ZCY 7    A ZGU 2    8_555 ? ? ? ? ? ? WATSON-CRICK ?     ? ? 
hydrog8  hydrog ?   ? A ZCY 7 N4  ? ? ? 1_555 A ZGU 2 O6 ? ? A ZCY 7    A ZGU 2    8_555 ? ? ? ? ? ? WATSON-CRICK ?     ? ? 
hydrog9  hydrog ?   ? A ZCY 7 O2  ? ? ? 1_555 A ZGU 2 N2 ? ? A ZCY 7    A ZGU 2    8_555 ? ? ? ? ? ? WATSON-CRICK ?     ? ? 
hydrog10 hydrog ?   ? A ZGU 8 N1  ? ? ? 1_555 A ZCY 1 N3 ? ? A ZGU 8    A ZCY 1    8_555 ? ? ? ? ? ? WATSON-CRICK ?     ? ? 
hydrog11 hydrog ?   ? A ZGU 8 N2  ? ? ? 1_555 A ZCY 1 O2 ? ? A ZGU 8    A ZCY 1    8_555 ? ? ? ? ? ? WATSON-CRICK ?     ? ? 
hydrog12 hydrog ?   ? A ZGU 8 O6  ? ? ? 1_555 A ZCY 1 N4 ? ? A ZGU 8    A ZCY 1    8_555 ? ? ? ? ? ? WATSON-CRICK ?     ? ? 
# 
loop_
_struct_conn_type.id 
_struct_conn_type.criteria 
_struct_conn_type.reference 
covale ? ? 
metalc ? ? 
hydrog ? ? 
# 
loop_
_pdbx_struct_conn_angle.id 
_pdbx_struct_conn_angle.ptnr1_label_atom_id 
_pdbx_struct_conn_angle.ptnr1_label_alt_id 
_pdbx_struct_conn_angle.ptnr1_label_asym_id 
_pdbx_struct_conn_angle.ptnr1_label_comp_id 
_pdbx_struct_conn_angle.ptnr1_label_seq_id 
_pdbx_struct_conn_angle.ptnr1_auth_atom_id 
_pdbx_struct_conn_angle.ptnr1_auth_asym_id 
_pdbx_struct_conn_angle.ptnr1_auth_comp_id 
_pdbx_struct_conn_angle.ptnr1_auth_seq_id 
_pdbx_struct_conn_angle.ptnr1_PDB_ins_code 
_pdbx_struct_conn_angle.ptnr1_symmetry 
_pdbx_struct_conn_angle.ptnr2_label_atom_id 
_pdbx_struct_conn_angle.ptnr2_label_alt_id 
_pdbx_struct_conn_angle.ptnr2_label_asym_id 
_pdbx_struct_conn_angle.ptnr2_label_comp_id 
_pdbx_struct_conn_angle.ptnr2_label_seq_id 
_pdbx_struct_conn_angle.ptnr2_auth_atom_id 
_pdbx_struct_conn_angle.ptnr2_auth_asym_id 
_pdbx_struct_conn_angle.ptnr2_auth_comp_id 
_pdbx_struct_conn_angle.ptnr2_auth_seq_id 
_pdbx_struct_conn_angle.ptnr2_PDB_ins_code 
_pdbx_struct_conn_angle.ptnr2_symmetry 
_pdbx_struct_conn_angle.ptnr3_label_atom_id 
_pdbx_struct_conn_angle.ptnr3_label_alt_id 
_pdbx_struct_conn_angle.ptnr3_label_asym_id 
_pdbx_struct_conn_angle.ptnr3_label_comp_id 
_pdbx_struct_conn_angle.ptnr3_label_seq_id 
_pdbx_struct_conn_angle.ptnr3_auth_atom_id 
_pdbx_struct_conn_angle.ptnr3_auth_asym_id 
_pdbx_struct_conn_angle.ptnr3_auth_comp_id 
_pdbx_struct_conn_angle.ptnr3_auth_seq_id 
_pdbx_struct_conn_angle.ptnr3_PDB_ins_code 
_pdbx_struct_conn_angle.ptnr3_symmetry 
_pdbx_struct_conn_angle.value 
_pdbx_struct_conn_angle.value_esd 
1  O3 ? A ZHP 3 ? A ZHP 3    ? 8_555 CU ? B CU . ? A CU 1001 ? 1_555 O4 ? A ZHP 3 ? A ZHP 3    ? 8_555 83.9  ? 
2  O3 ? A ZHP 3 ? A ZHP 3    ? 8_555 CU ? B CU . ? A CU 1001 ? 1_555 O3 ? A ZHP 6 ? A ZHP 6    ? 1_555 94.4  ? 
3  O4 ? A ZHP 3 ? A ZHP 3    ? 8_555 CU ? B CU . ? A CU 1001 ? 1_555 O3 ? A ZHP 6 ? A ZHP 6    ? 1_555 174.9 ? 
4  O3 ? A ZHP 3 ? A ZHP 3    ? 8_555 CU ? B CU . ? A CU 1001 ? 1_555 O4 ? A ZHP 6 ? A ZHP 6    ? 1_555 173.8 ? 
5  O4 ? A ZHP 3 ? A ZHP 3    ? 8_555 CU ? B CU . ? A CU 1001 ? 1_555 O4 ? A ZHP 6 ? A ZHP 6    ? 1_555 98.0  ? 
6  O3 ? A ZHP 6 ? A ZHP 6    ? 1_555 CU ? B CU . ? A CU 1001 ? 1_555 O4 ? A ZHP 6 ? A ZHP 6    ? 1_555 84.3  ? 
7  O  ? H HOH . ? A HOH 2009 ? 8_555 MG ? C MG . ? A MG 1002 ? 1_555 O  ? H HOH . ? A HOH 2023 ? 8_655 91.6  ? 
8  O  ? H HOH . ? A HOH 2009 ? 8_555 MG ? C MG . ? A MG 1002 ? 1_555 O  ? H HOH . ? A HOH 2038 ? 8_555 110.5 ? 
9  O  ? H HOH . ? A HOH 2023 ? 8_655 MG ? C MG . ? A MG 1002 ? 1_555 O  ? H HOH . ? A HOH 2038 ? 8_555 99.4  ? 
10 O  ? H HOH . ? A HOH 2009 ? 8_555 MG ? C MG . ? A MG 1002 ? 1_555 O  ? H HOH . ? A HOH 2039 ? 8_655 88.2  ? 
11 O  ? H HOH . ? A HOH 2023 ? 8_655 MG ? C MG . ? A MG 1002 ? 1_555 O  ? H HOH . ? A HOH 2039 ? 8_655 87.7  ? 
12 O  ? H HOH . ? A HOH 2038 ? 8_555 MG ? C MG . ? A MG 1002 ? 1_555 O  ? H HOH . ? A HOH 2039 ? 8_655 159.6 ? 
13 O  ? H HOH . ? A HOH 2009 ? 8_555 MG ? C MG . ? A MG 1002 ? 1_555 O  ? H HOH . ? A HOH 2046 ? 8_555 87.9  ? 
14 O  ? H HOH . ? A HOH 2023 ? 8_655 MG ? C MG . ? A MG 1002 ? 1_555 O  ? H HOH . ? A HOH 2046 ? 8_555 165.1 ? 
15 O  ? H HOH . ? A HOH 2038 ? 8_555 MG ? C MG . ? A MG 1002 ? 1_555 O  ? H HOH . ? A HOH 2046 ? 8_555 94.7  ? 
16 O  ? H HOH . ? A HOH 2039 ? 8_655 MG ? C MG . ? A MG 1002 ? 1_555 O  ? H HOH . ? A HOH 2046 ? 8_555 77.3  ? 
17 O  ? H HOH . ? A HOH 2009 ? 8_555 MG ? C MG . ? A MG 1002 ? 1_555 O  ? H HOH . ? A HOH 2060 ? 1_555 162.4 ? 
18 O  ? H HOH . ? A HOH 2023 ? 8_655 MG ? C MG . ? A MG 1002 ? 1_555 O  ? H HOH . ? A HOH 2060 ? 1_555 96.2  ? 
19 O  ? H HOH . ? A HOH 2038 ? 8_555 MG ? C MG . ? A MG 1002 ? 1_555 O  ? H HOH . ? A HOH 2060 ? 1_555 83.9  ? 
20 O  ? H HOH . ? A HOH 2039 ? 8_655 MG ? C MG . ? A MG 1002 ? 1_555 O  ? H HOH . ? A HOH 2060 ? 1_555 76.4  ? 
21 O  ? H HOH . ? A HOH 2046 ? 8_555 MG ? C MG . ? A MG 1002 ? 1_555 O  ? H HOH . ? A HOH 2060 ? 1_555 80.5  ? 
22 O  ? H HOH . ? A HOH 2036 ? 7_556 MG ? D MG . ? A MG 1003 ? 1_555 O  ? H HOH . ? A HOH 2036 ? 1_555 113.0 ? 
23 O  ? H HOH . ? A HOH 2036 ? 7_556 MG ? D MG . ? A MG 1003 ? 1_555 O  ? H HOH . ? A HOH 2072 ? 7_556 92.9  ? 
24 O  ? H HOH . ? A HOH 2036 ? 1_555 MG ? D MG . ? A MG 1003 ? 1_555 O  ? H HOH . ? A HOH 2072 ? 7_556 88.3  ? 
25 O  ? H HOH . ? A HOH 2036 ? 7_556 MG ? D MG . ? A MG 1003 ? 1_555 O  ? H HOH . ? A HOH 2072 ? 1_555 111.8 ? 
26 O  ? H HOH . ? A HOH 2036 ? 1_555 MG ? D MG . ? A MG 1003 ? 1_555 O  ? H HOH . ? A HOH 2072 ? 1_555 79.4  ? 
27 O  ? H HOH . ? A HOH 2072 ? 7_556 MG ? D MG . ? A MG 1003 ? 1_555 O  ? H HOH . ? A HOH 2072 ? 1_555 155.2 ? 
28 O  ? H HOH . ? A HOH 2036 ? 7_556 MG ? D MG . ? A MG 1003 ? 1_555 O  ? H HOH . ? A HOH 2073 ? 7_556 109.0 ? 
29 O  ? H HOH . ? A HOH 2036 ? 1_555 MG ? D MG . ? A MG 1003 ? 1_555 O  ? H HOH . ? A HOH 2073 ? 7_556 137.6 ? 
30 O  ? H HOH . ? A HOH 2072 ? 7_556 MG ? D MG . ? A MG 1003 ? 1_555 O  ? H HOH . ? A HOH 2073 ? 7_556 95.4  ? 
31 O  ? H HOH . ? A HOH 2072 ? 1_555 MG ? D MG . ? A MG 1003 ? 1_555 O  ? H HOH . ? A HOH 2073 ? 7_556 80.0  ? 
32 O  ? H HOH . ? A HOH 2036 ? 7_556 MG ? D MG . ? A MG 1003 ? 1_555 O  ? H HOH . ? A HOH 2073 ? 1_555 160.5 ? 
33 O  ? H HOH . ? A HOH 2036 ? 1_555 MG ? D MG . ? A MG 1003 ? 1_555 O  ? H HOH . ? A HOH 2073 ? 1_555 76.2  ? 
34 O  ? H HOH . ? A HOH 2072 ? 7_556 MG ? D MG . ? A MG 1003 ? 1_555 O  ? H HOH . ? A HOH 2073 ? 1_555 69.7  ? 
35 O  ? H HOH . ? A HOH 2072 ? 1_555 MG ? D MG . ? A MG 1003 ? 1_555 O  ? H HOH . ? A HOH 2073 ? 1_555 86.3  ? 
36 O  ? H HOH . ? A HOH 2073 ? 7_556 MG ? D MG . ? A MG 1003 ? 1_555 O  ? H HOH . ? A HOH 2073 ? 1_555 65.8  ? 
37 O  ? H HOH . ? A HOH 2008 ? 1_555 NA ? G NA . ? A NA 1006 ? 1_555 O  ? H HOH . ? A HOH 2029 ? 1_555 81.3  ? 
38 O  ? H HOH . ? A HOH 2008 ? 1_555 NA ? G NA . ? A NA 1006 ? 1_555 O  ? H HOH . ? A HOH 2037 ? 1_555 163.8 ? 
39 O  ? H HOH . ? A HOH 2029 ? 1_555 NA ? G NA . ? A NA 1006 ? 1_555 O  ? H HOH . ? A HOH 2037 ? 1_555 84.1  ? 
40 O  ? H HOH . ? A HOH 2008 ? 1_555 NA ? G NA . ? A NA 1006 ? 1_555 O  ? H HOH . ? A HOH 2041 ? 1_555 94.9  ? 
41 O  ? H HOH . ? A HOH 2029 ? 1_555 NA ? G NA . ? A NA 1006 ? 1_555 O  ? H HOH . ? A HOH 2041 ? 1_555 166.4 ? 
42 O  ? H HOH . ? A HOH 2037 ? 1_555 NA ? G NA . ? A NA 1006 ? 1_555 O  ? H HOH . ? A HOH 2041 ? 1_555 100.9 ? 
# 
loop_
_struct_site.id 
_struct_site.pdbx_evidence_code 
_struct_site.pdbx_auth_asym_id 
_struct_site.pdbx_auth_comp_id 
_struct_site.pdbx_auth_seq_id 
_struct_site.pdbx_auth_ins_code 
_struct_site.pdbx_num_residues 
_struct_site.details 
AC1 Software ? ? ? ? 4 'BINDING SITE FOR RESIDUE CU A1001'  
AC2 Software ? ? ? ? 6 'BINDING SITE FOR RESIDUE MG A1002'  
AC3 Software ? ? ? ? 3 'BINDING SITE FOR RESIDUE MG A1003'  
AC4 Software ? ? ? ? 3 'BINDING SITE FOR RESIDUE NCO A1004' 
AC5 Software ? ? ? ? 6 'BINDING SITE FOR RESIDUE NCO A1005' 
AC6 Software ? ? ? ? 4 'BINDING SITE FOR RESIDUE NA A1006'  
# 
loop_
_struct_site_gen.id 
_struct_site_gen.site_id 
_struct_site_gen.pdbx_num_res 
_struct_site_gen.label_comp_id 
_struct_site_gen.label_asym_id 
_struct_site_gen.label_seq_id 
_struct_site_gen.pdbx_auth_ins_code 
_struct_site_gen.auth_comp_id 
_struct_site_gen.auth_asym_id 
_struct_site_gen.auth_seq_id 
_struct_site_gen.label_atom_id 
_struct_site_gen.label_alt_id 
_struct_site_gen.symmetry 
_struct_site_gen.details 
1  AC1 4 ZHP A 3 ? ZHP A 3    . ? 1_555 ? 
2  AC1 4 ZAD A 4 ? ZAD A 4    . ? 1_555 ? 
3  AC1 4 ZHP A 6 ? ZHP A 6    . ? 1_555 ? 
4  AC1 4 ZCY A 7 ? ZCY A 7    . ? 1_555 ? 
5  AC2 6 HOH H . ? HOH A 2009 . ? 1_555 ? 
6  AC2 6 HOH H . ? HOH A 2023 . ? 1_555 ? 
7  AC2 6 HOH H . ? HOH A 2038 . ? 1_555 ? 
8  AC2 6 HOH H . ? HOH A 2039 . ? 1_555 ? 
9  AC2 6 HOH H . ? HOH A 2046 . ? 1_555 ? 
10 AC2 6 HOH H . ? HOH A 2060 . ? 1_555 ? 
11 AC3 3 HOH H . ? HOH A 2036 . ? 1_555 ? 
12 AC3 3 HOH H . ? HOH A 2072 . ? 1_555 ? 
13 AC3 3 HOH H . ? HOH A 2073 . ? 1_555 ? 
14 AC4 3 ZAD A 4 ? ZAD A 4    . ? 1_555 ? 
15 AC4 3 ZTH A 5 ? ZTH A 5    . ? 1_555 ? 
16 AC4 3 HOH H . ? HOH A 2075 . ? 1_555 ? 
17 AC5 6 ZCY A 1 ? ZCY A 1    . ? 1_555 ? 
18 AC5 6 ZGU A 2 ? ZGU A 2    . ? 1_555 ? 
19 AC5 6 ZGU A 8 ? ZGU A 8    . ? 1_555 ? 
20 AC5 6 HOH H . ? HOH A 2076 . ? 1_555 ? 
21 AC5 6 HOH H . ? HOH A 2079 . ? 1_555 ? 
22 AC5 6 HOH H . ? HOH A 2080 . ? 1_555 ? 
23 AC6 4 HOH H . ? HOH A 2008 . ? 1_555 ? 
24 AC6 4 HOH H . ? HOH A 2029 . ? 1_555 ? 
25 AC6 4 HOH H . ? HOH A 2037 . ? 1_555 ? 
26 AC6 4 HOH H . ? HOH A 2041 . ? 1_555 ? 
# 
_pdbx_entry_details.entry_id                   2JJA 
_pdbx_entry_details.compound_details           ? 
_pdbx_entry_details.source_details             ? 
_pdbx_entry_details.nonpolymer_details         
;(S)-1-(2,3-DIHYDROXYPROPYL)-HYDROXYPYRIDONE (ZHP):
 COPPER-CHELATING ARTIFICIAL BASE
;
_pdbx_entry_details.sequence_details           ? 
_pdbx_entry_details.has_ligand_of_interest     ? 
_pdbx_entry_details.has_protein_modification   N 
# 
_pdbx_validate_close_contact.id               1 
_pdbx_validate_close_contact.PDB_model_num    1 
_pdbx_validate_close_contact.auth_atom_id_1   O 
_pdbx_validate_close_contact.auth_asym_id_1   A 
_pdbx_validate_close_contact.auth_comp_id_1   HOH 
_pdbx_validate_close_contact.auth_seq_id_1    2016 
_pdbx_validate_close_contact.PDB_ins_code_1   ? 
_pdbx_validate_close_contact.label_alt_id_1   ? 
_pdbx_validate_close_contact.auth_atom_id_2   O 
_pdbx_validate_close_contact.auth_asym_id_2   A 
_pdbx_validate_close_contact.auth_comp_id_2   HOH 
_pdbx_validate_close_contact.auth_seq_id_2    2047 
_pdbx_validate_close_contact.PDB_ins_code_2   ? 
_pdbx_validate_close_contact.label_alt_id_2   ? 
_pdbx_validate_close_contact.dist             2.14 
# 
loop_
_pdbx_validate_chiral.id 
_pdbx_validate_chiral.PDB_model_num 
_pdbx_validate_chiral.auth_atom_id 
_pdbx_validate_chiral.label_alt_id 
_pdbx_validate_chiral.auth_asym_id 
_pdbx_validate_chiral.auth_comp_id 
_pdbx_validate_chiral.auth_seq_id 
_pdbx_validate_chiral.PDB_ins_code 
_pdbx_validate_chiral.details 
_pdbx_validate_chiral.omega 
1 1 C2 ? A ZHP 3 ? PLANAR . 
2 1 C2 ? A ZHP 6 ? PLANAR . 
# 
loop_
_pdbx_struct_mod_residue.id 
_pdbx_struct_mod_residue.label_asym_id 
_pdbx_struct_mod_residue.label_comp_id 
_pdbx_struct_mod_residue.label_seq_id 
_pdbx_struct_mod_residue.auth_asym_id 
_pdbx_struct_mod_residue.auth_comp_id 
_pdbx_struct_mod_residue.auth_seq_id 
_pdbx_struct_mod_residue.PDB_ins_code 
_pdbx_struct_mod_residue.parent_comp_id 
_pdbx_struct_mod_residue.details 
1 A ZCY 1 A ZCY 1 ? C "(S)-1'-(2',3'-DIHYDROXYPROPYL)-CYTOSINE" 
2 A ZGU 2 A ZGU 2 ? G "(S)-1'-(2',3'-DIHYDROXYPROPYL)-GUANINE"  
3 A ZAD 4 A ZAD 4 ? A "(S)-1'-(2',3'-DIHYDROXYPROPYL)-ADENINE"  
4 A ZTH 5 A ZTH 5 ? T "(S)-1'-(2',3'-DIHYDROXYPROPYL)-THYMINE"  
5 A ZCY 7 A ZCY 7 ? C "(S)-1'-(2',3'-DIHYDROXYPROPYL)-CYTOSINE" 
6 A ZGU 8 A ZGU 8 ? G "(S)-1'-(2',3'-DIHYDROXYPROPYL)-GUANINE"  
# 
_pdbx_struct_special_symmetry.id              1 
_pdbx_struct_special_symmetry.PDB_model_num   1 
_pdbx_struct_special_symmetry.auth_asym_id    A 
_pdbx_struct_special_symmetry.auth_comp_id    NCO 
_pdbx_struct_special_symmetry.auth_seq_id     1004 
_pdbx_struct_special_symmetry.PDB_ins_code    ? 
_pdbx_struct_special_symmetry.label_asym_id   E 
_pdbx_struct_special_symmetry.label_comp_id   NCO 
_pdbx_struct_special_symmetry.label_seq_id    . 
# 
loop_
_pdbx_distant_solvent_atoms.id 
_pdbx_distant_solvent_atoms.PDB_model_num 
_pdbx_distant_solvent_atoms.auth_atom_id 
_pdbx_distant_solvent_atoms.label_alt_id 
_pdbx_distant_solvent_atoms.auth_asym_id 
_pdbx_distant_solvent_atoms.auth_comp_id 
_pdbx_distant_solvent_atoms.auth_seq_id 
_pdbx_distant_solvent_atoms.PDB_ins_code 
_pdbx_distant_solvent_atoms.neighbor_macromolecule_distance 
_pdbx_distant_solvent_atoms.neighbor_ligand_distance 
1 1 O ? A HOH 2020 ? 6.23 . 
2 1 O ? A HOH 2021 ? 6.43 . 
# 
loop_
_chem_comp_atom.comp_id 
_chem_comp_atom.atom_id 
_chem_comp_atom.type_symbol 
_chem_comp_atom.pdbx_aromatic_flag 
_chem_comp_atom.pdbx_stereo_config 
_chem_comp_atom.pdbx_ordinal 
CU  CU   CU N N 1   
HOH O    O  N N 2   
HOH H1   H  N N 3   
HOH H2   H  N N 4   
MG  MG   MG N N 5   
NA  NA   NA N N 6   
NCO CO   CO N N 7   
NCO N1   N  N N 8   
NCO N2   N  N N 9   
NCO N3   N  N N 10  
NCO N4   N  N N 11  
NCO N5   N  N N 12  
NCO N6   N  N N 13  
NCO HN11 H  N N 14  
NCO HN12 H  N N 15  
NCO HN13 H  N N 16  
NCO HN21 H  N N 17  
NCO HN22 H  N N 18  
NCO HN23 H  N N 19  
NCO HN31 H  N N 20  
NCO HN32 H  N N 21  
NCO HN33 H  N N 22  
NCO HN41 H  N N 23  
NCO HN42 H  N N 24  
NCO HN43 H  N N 25  
NCO HN51 H  N N 26  
NCO HN52 H  N N 27  
NCO HN53 H  N N 28  
NCO HN61 H  N N 29  
NCO HN62 H  N N 30  
NCO HN63 H  N N 31  
ZAD O2P  O  N N 32  
ZAD P    P  N N 33  
ZAD O1P  O  N N 34  
ZAD O3G  O  N N 35  
ZAD C3G  C  N N 36  
ZAD C2G  C  N S 37  
ZAD O2G  O  N N 38  
ZAD C1G  C  N N 39  
ZAD N9   N  Y N 40  
ZAD C4   C  Y N 41  
ZAD N3   N  Y N 42  
ZAD C2   C  Y N 43  
ZAD N1   N  Y N 44  
ZAD C6   C  Y N 45  
ZAD N6   N  N N 46  
ZAD C5   C  Y N 47  
ZAD N7   N  Y N 48  
ZAD C8   C  Y N 49  
ZAD OXT  O  N N 50  
ZAD H2P  H  N N 51  
ZAD HOT  H  N N 52  
ZAD H3G1 H  N N 53  
ZAD H3G2 H  N N 54  
ZAD H2G  H  N N 55  
ZAD HA   H  N N 56  
ZAD H1G1 H  N N 57  
ZAD H1G2 H  N N 58  
ZAD H8   H  N N 59  
ZAD H2   H  N N 60  
ZAD H6N1 H  N N 61  
ZAD H6N2 H  N N 62  
ZCY O2   O  N N 63  
ZCY C2   C  N N 64  
ZCY N3   N  N N 65  
ZCY C4   C  N N 66  
ZCY N4   N  N N 67  
ZCY C5   C  N N 68  
ZCY C6   C  N N 69  
ZCY N1   N  N N 70  
ZCY C1G  C  N N 71  
ZCY C2G  C  N S 72  
ZCY O2G  O  N N 73  
ZCY C3G  C  N N 74  
ZCY O3G  O  N N 75  
ZCY P    P  N N 76  
ZCY O2P  O  N N 77  
ZCY O1P  O  N N 78  
ZCY OXT  O  N N 79  
ZCY H4N1 H  N N 80  
ZCY H4N2 H  N N 81  
ZCY H5   H  N N 82  
ZCY H6   H  N N 83  
ZCY H1G1 H  N N 84  
ZCY H1G2 H  N N 85  
ZCY H2G  H  N N 86  
ZCY H3G1 H  N N 87  
ZCY H3G2 H  N N 88  
ZCY H2P  H  N N 89  
ZCY H2   H  N N 90  
ZCY HXT  H  N N 91  
ZGU P    P  N N 92  
ZGU O1P  O  N N 93  
ZGU O2P  O  N N 94  
ZGU O3G  O  N N 95  
ZGU C3G  C  N N 96  
ZGU C2G  C  N S 97  
ZGU O2G  O  N N 98  
ZGU C1G  C  N N 99  
ZGU N9   N  Y N 100 
ZGU C8   C  Y N 101 
ZGU N7   N  Y N 102 
ZGU C4   C  Y N 103 
ZGU C5   C  Y N 104 
ZGU N3   N  N N 105 
ZGU C2   C  N N 106 
ZGU N2   N  N N 107 
ZGU N1   N  N N 108 
ZGU C6   C  N N 109 
ZGU O6   O  N N 110 
ZGU OXT  O  N N 111 
ZGU H1P  H  N N 112 
ZGU HOT  H  N N 113 
ZGU H3G1 H  N N 114 
ZGU H3G2 H  N N 115 
ZGU H2G  H  N N 116 
ZGU HA   H  N N 117 
ZGU H1G1 H  N N 118 
ZGU H1G2 H  N N 119 
ZGU H8   H  N N 120 
ZGU H2N1 H  N N 121 
ZGU H2N2 H  N N 122 
ZGU H1   H  N N 123 
ZHP P    P  N N 124 
ZHP O1P  O  N N 125 
ZHP O2P  O  N N 126 
ZHP O3G  O  N N 127 
ZHP C3G  C  N N 128 
ZHP C2G  C  N S 129 
ZHP O2G  O  N N 130 
ZHP C1G  C  N N 131 
ZHP N1   N  N N 132 
ZHP C2   C  N S 133 
ZHP C2M  C  N N 134 
ZHP C3   C  N N 135 
ZHP O3   O  N N 136 
ZHP C6   C  N N 137 
ZHP C5   C  N N 138 
ZHP C4   C  N N 139 
ZHP O4   O  N N 140 
ZHP OXT  O  N N 141 
ZHP H1P  H  N N 142 
ZHP HOT  H  N N 143 
ZHP HA1  H  N N 144 
ZHP HB2  H  N N 145 
ZHP HA   H  N N 146 
ZHP H2G  H  N N 147 
ZHP HB1  H  N N 148 
ZHP HC2  H  N N 149 
ZHP H6   H  N N 150 
ZHP H2M1 H  N N 151 
ZHP H2M2 H  N N 152 
ZHP H2M3 H  N N 153 
ZHP H3   H  N N 154 
ZHP H5   H  N N 155 
ZTH O4   O  N N 156 
ZTH C4   C  N N 157 
ZTH N3   N  N N 158 
ZTH C2   C  N N 159 
ZTH O2   O  N N 160 
ZTH C5   C  N N 161 
ZTH C5M  C  N N 162 
ZTH C6   C  N N 163 
ZTH N1   N  N N 164 
ZTH C1G  C  N N 165 
ZTH C2G  C  N S 166 
ZTH O2G  O  N N 167 
ZTH C3G  C  N N 168 
ZTH O3G  O  N N 169 
ZTH P    P  N N 170 
ZTH O1P  O  N N 171 
ZTH O2P  O  N N 172 
ZTH H3   H  N N 173 
ZTH H5M1 H  N N 174 
ZTH H5M2 H  N N 175 
ZTH H5M3 H  N N 176 
ZTH H6   H  N N 177 
ZTH H1G1 H  N N 178 
ZTH H1G2 H  N N 179 
ZTH H2G  H  N N 180 
ZTH H3G1 H  N N 181 
ZTH H3G2 H  N N 182 
ZTH H1P  H  N N 183 
ZTH OXT  O  N N 184 
ZTH HXT  H  N N 185 
ZTH H2   H  N N 186 
# 
loop_
_chem_comp_bond.comp_id 
_chem_comp_bond.atom_id_1 
_chem_comp_bond.atom_id_2 
_chem_comp_bond.value_order 
_chem_comp_bond.pdbx_aromatic_flag 
_chem_comp_bond.pdbx_stereo_config 
_chem_comp_bond.pdbx_ordinal 
HOH O   H1   sing N N 1   
HOH O   H2   sing N N 2   
NCO CO  N1   sing N N 3   
NCO CO  N2   sing N N 4   
NCO CO  N3   sing N N 5   
NCO CO  N4   sing N N 6   
NCO CO  N5   sing N N 7   
NCO CO  N6   sing N N 8   
NCO N1  HN11 sing N N 9   
NCO N1  HN12 sing N N 10  
NCO N1  HN13 sing N N 11  
NCO N2  HN21 sing N N 12  
NCO N2  HN22 sing N N 13  
NCO N2  HN23 sing N N 14  
NCO N3  HN31 sing N N 15  
NCO N3  HN32 sing N N 16  
NCO N3  HN33 sing N N 17  
NCO N4  HN41 sing N N 18  
NCO N4  HN42 sing N N 19  
NCO N4  HN43 sing N N 20  
NCO N5  HN51 sing N N 21  
NCO N5  HN52 sing N N 22  
NCO N5  HN53 sing N N 23  
NCO N6  HN61 sing N N 24  
NCO N6  HN62 sing N N 25  
NCO N6  HN63 sing N N 26  
ZAD O2P P    sing N N 27  
ZAD P   O1P  doub N N 28  
ZAD P   O3G  sing N N 29  
ZAD P   OXT  sing N N 30  
ZAD O3G C3G  sing N N 31  
ZAD C3G C2G  sing N N 32  
ZAD C2G O2G  sing N N 33  
ZAD C2G C1G  sing N N 34  
ZAD C1G N9   sing N N 35  
ZAD N9  C4   sing Y N 36  
ZAD N9  C8   sing Y N 37  
ZAD C4  N3   sing Y N 38  
ZAD C4  C5   doub Y N 39  
ZAD N3  C2   doub Y N 40  
ZAD C2  N1   sing Y N 41  
ZAD N1  C6   doub Y N 42  
ZAD C6  N6   sing N N 43  
ZAD C6  C5   sing Y N 44  
ZAD C5  N7   sing Y N 45  
ZAD N7  C8   doub Y N 46  
ZAD O2P H2P  sing N N 47  
ZAD OXT HOT  sing N N 48  
ZAD C3G H3G1 sing N N 49  
ZAD C3G H3G2 sing N N 50  
ZAD C2G H2G  sing N N 51  
ZAD O2G HA   sing N N 52  
ZAD C1G H1G1 sing N N 53  
ZAD C1G H1G2 sing N N 54  
ZAD C8  H8   sing N N 55  
ZAD C2  H2   sing N N 56  
ZAD N6  H6N1 sing N N 57  
ZAD N6  H6N2 sing N N 58  
ZCY O2  C2   doub N N 59  
ZCY C2  N3   sing N N 60  
ZCY C2  N1   sing N N 61  
ZCY N3  C4   doub N N 62  
ZCY C4  N4   sing N N 63  
ZCY C4  C5   sing N N 64  
ZCY C5  C6   doub N N 65  
ZCY C6  N1   sing N N 66  
ZCY N1  C1G  sing N N 67  
ZCY C1G C2G  sing N N 68  
ZCY C2G O2G  sing N N 69  
ZCY C2G C3G  sing N N 70  
ZCY O2G H2G  sing N N 71  
ZCY C3G O3G  sing N N 72  
ZCY O3G P    sing N N 73  
ZCY P   O2P  sing N N 74  
ZCY P   O1P  doub N N 75  
ZCY N4  H4N1 sing N N 76  
ZCY N4  H4N2 sing N N 77  
ZCY C5  H5   sing N N 78  
ZCY C6  H6   sing N N 79  
ZCY C1G H1G1 sing N N 80  
ZCY C1G H1G2 sing N N 81  
ZCY C2G H2   sing N N 82  
ZCY C3G H3G1 sing N N 83  
ZCY C3G H3G2 sing N N 84  
ZCY O2P H2P  sing N N 85  
ZCY P   OXT  sing N N 86  
ZCY OXT HXT  sing N N 87  
ZGU P   O1P  sing N N 88  
ZGU P   O2P  doub N N 89  
ZGU P   O3G  sing N N 90  
ZGU P   OXT  sing N N 91  
ZGU O3G C3G  sing N N 92  
ZGU C3G C2G  sing N N 93  
ZGU C2G O2G  sing N N 94  
ZGU C2G C1G  sing N N 95  
ZGU C1G N9   sing N N 96  
ZGU N9  C8   sing Y N 97  
ZGU N9  C4   sing Y N 98  
ZGU C8  N7   doub Y N 99  
ZGU N7  C5   sing Y N 100 
ZGU C4  C5   doub Y N 101 
ZGU C4  N3   sing N N 102 
ZGU C5  C6   sing N N 103 
ZGU N3  C2   doub N N 104 
ZGU C2  N2   sing N N 105 
ZGU C2  N1   sing N N 106 
ZGU N1  C6   sing N N 107 
ZGU C6  O6   doub N N 108 
ZGU O1P H1P  sing N N 109 
ZGU OXT HOT  sing N N 110 
ZGU C3G H3G1 sing N N 111 
ZGU C3G H3G2 sing N N 112 
ZGU C2G H2G  sing N N 113 
ZGU O2G HA   sing N N 114 
ZGU C1G H1G1 sing N N 115 
ZGU C1G H1G2 sing N N 116 
ZGU C8  H8   sing N N 117 
ZGU N2  H2N1 sing N N 118 
ZGU N2  H2N2 sing N N 119 
ZGU N1  H1   sing N N 120 
ZHP P   O1P  sing N N 121 
ZHP P   O2P  doub N N 122 
ZHP P   O3G  sing N N 123 
ZHP P   OXT  sing N N 124 
ZHP O3G C3G  sing N N 125 
ZHP C3G C2G  sing N N 126 
ZHP C2G O2G  sing N N 127 
ZHP C2G C1G  sing N N 128 
ZHP C1G N1   sing N N 129 
ZHP N1  C2   sing N N 130 
ZHP N1  C6   sing N N 131 
ZHP C2  C2M  sing N N 132 
ZHP C2  C3   doub N N 133 
ZHP C3  O3   sing N N 134 
ZHP C3  C4   sing N N 135 
ZHP C6  C5   doub N N 136 
ZHP C5  C4   sing N N 137 
ZHP C4  O4   doub N N 138 
ZHP O1P H1P  sing N N 139 
ZHP OXT HOT  sing N N 140 
ZHP C3G HA1  sing N N 141 
ZHP C3G HB2  sing N N 142 
ZHP C2G HA   sing N N 143 
ZHP O2G H2G  sing N N 144 
ZHP C1G HB1  sing N N 145 
ZHP C1G HC2  sing N N 146 
ZHP C6  H6   sing N N 147 
ZHP C2M H2M1 sing N N 148 
ZHP C2M H2M2 sing N N 149 
ZHP C2M H2M3 sing N N 150 
ZHP O3  H3   sing N N 151 
ZHP C5  H5   sing N N 152 
ZTH O4  C4   doub N N 153 
ZTH C4  N3   sing N N 154 
ZTH C4  C5   sing N N 155 
ZTH N3  C2   sing N N 156 
ZTH C2  O2   doub N N 157 
ZTH C2  N1   sing N N 158 
ZTH C5  C5M  sing N N 159 
ZTH C5  C6   doub N N 160 
ZTH C6  N1   sing N N 161 
ZTH N1  C1G  sing N N 162 
ZTH C1G C2G  sing N N 163 
ZTH C2G O2G  sing N N 164 
ZTH C2G C3G  sing N N 165 
ZTH P   OXT  sing N N 166 
ZTH C3G O3G  sing N N 167 
ZTH O3G P    sing N N 168 
ZTH P   O1P  sing N N 169 
ZTH P   O2P  doub N N 170 
ZTH N3  H3   sing N N 171 
ZTH C5M H5M1 sing N N 172 
ZTH C5M H5M2 sing N N 173 
ZTH C5M H5M3 sing N N 174 
ZTH C6  H6   sing N N 175 
ZTH C1G H1G1 sing N N 176 
ZTH C1G H1G2 sing N N 177 
ZTH C2G H2G  sing N N 178 
ZTH C3G H3G1 sing N N 179 
ZTH C3G H3G2 sing N N 180 
ZTH O1P H1P  sing N N 181 
ZTH OXT HXT  sing N N 182 
ZTH O2G H2   sing N N 183 
# 
_ndb_struct_conf_na.entry_id   2JJA 
_ndb_struct_conf_na.feature    'double helix' 
# 
loop_
_ndb_struct_na_base_pair.model_number 
_ndb_struct_na_base_pair.i_label_asym_id 
_ndb_struct_na_base_pair.i_label_comp_id 
_ndb_struct_na_base_pair.i_label_seq_id 
_ndb_struct_na_base_pair.i_symmetry 
_ndb_struct_na_base_pair.j_label_asym_id 
_ndb_struct_na_base_pair.j_label_comp_id 
_ndb_struct_na_base_pair.j_label_seq_id 
_ndb_struct_na_base_pair.j_symmetry 
_ndb_struct_na_base_pair.shear 
_ndb_struct_na_base_pair.stretch 
_ndb_struct_na_base_pair.stagger 
_ndb_struct_na_base_pair.buckle 
_ndb_struct_na_base_pair.propeller 
_ndb_struct_na_base_pair.opening 
_ndb_struct_na_base_pair.pair_number 
_ndb_struct_na_base_pair.pair_name 
_ndb_struct_na_base_pair.i_auth_asym_id 
_ndb_struct_na_base_pair.i_auth_seq_id 
_ndb_struct_na_base_pair.i_PDB_ins_code 
_ndb_struct_na_base_pair.j_auth_asym_id 
_ndb_struct_na_base_pair.j_auth_seq_id 
_ndb_struct_na_base_pair.j_PDB_ins_code 
_ndb_struct_na_base_pair.hbond_type_28 
_ndb_struct_na_base_pair.hbond_type_12 
1 A ZCY 1 1_555 A ZGU 8 8_555 -0.225 -0.112 -0.017 9.250 7.281 1.845 1 A_ZCY1:ZGU8_A A 1 ? A 8 ? 19 1 
1 A ZGU 2 1_555 A ZCY 7 8_555 0.135  -0.112 0.069  1.245 7.662 1.195 2 A_ZGU2:ZCY7_A A 2 ? A 7 ? 19 1 
1 A ZCY 1 8_555 A ZGU 8 1_555 -0.225 -0.112 -0.017 9.250 7.281 1.845 3 A_ZCY1:ZGU8_A A 1 ? A 8 ? 19 1 
1 A ZGU 2 8_555 A ZCY 7 1_555 0.135  -0.112 0.069  1.245 7.662 1.195 4 A_ZGU2:ZCY7_A A 2 ? A 7 ? 19 1 
# 
loop_
_ndb_struct_na_base_pair_step.model_number 
_ndb_struct_na_base_pair_step.i_label_asym_id_1 
_ndb_struct_na_base_pair_step.i_label_comp_id_1 
_ndb_struct_na_base_pair_step.i_label_seq_id_1 
_ndb_struct_na_base_pair_step.i_symmetry_1 
_ndb_struct_na_base_pair_step.j_label_asym_id_1 
_ndb_struct_na_base_pair_step.j_label_comp_id_1 
_ndb_struct_na_base_pair_step.j_label_seq_id_1 
_ndb_struct_na_base_pair_step.j_symmetry_1 
_ndb_struct_na_base_pair_step.i_label_asym_id_2 
_ndb_struct_na_base_pair_step.i_label_comp_id_2 
_ndb_struct_na_base_pair_step.i_label_seq_id_2 
_ndb_struct_na_base_pair_step.i_symmetry_2 
_ndb_struct_na_base_pair_step.j_label_asym_id_2 
_ndb_struct_na_base_pair_step.j_label_comp_id_2 
_ndb_struct_na_base_pair_step.j_label_seq_id_2 
_ndb_struct_na_base_pair_step.j_symmetry_2 
_ndb_struct_na_base_pair_step.shift 
_ndb_struct_na_base_pair_step.slide 
_ndb_struct_na_base_pair_step.rise 
_ndb_struct_na_base_pair_step.tilt 
_ndb_struct_na_base_pair_step.roll 
_ndb_struct_na_base_pair_step.twist 
_ndb_struct_na_base_pair_step.x_displacement 
_ndb_struct_na_base_pair_step.y_displacement 
_ndb_struct_na_base_pair_step.helical_rise 
_ndb_struct_na_base_pair_step.inclination 
_ndb_struct_na_base_pair_step.tip 
_ndb_struct_na_base_pair_step.helical_twist 
_ndb_struct_na_base_pair_step.step_number 
_ndb_struct_na_base_pair_step.step_name 
_ndb_struct_na_base_pair_step.i_auth_asym_id_1 
_ndb_struct_na_base_pair_step.i_auth_seq_id_1 
_ndb_struct_na_base_pair_step.i_PDB_ins_code_1 
_ndb_struct_na_base_pair_step.j_auth_asym_id_1 
_ndb_struct_na_base_pair_step.j_auth_seq_id_1 
_ndb_struct_na_base_pair_step.j_PDB_ins_code_1 
_ndb_struct_na_base_pair_step.i_auth_asym_id_2 
_ndb_struct_na_base_pair_step.i_auth_seq_id_2 
_ndb_struct_na_base_pair_step.i_PDB_ins_code_2 
_ndb_struct_na_base_pair_step.j_auth_asym_id_2 
_ndb_struct_na_base_pair_step.j_auth_seq_id_2 
_ndb_struct_na_base_pair_step.j_PDB_ins_code_2 
1 A ZCY 1 1_555 A ZGU 8 8_555 A ZGU 2 1_555 A ZCY 7 8_555 -0.280 -4.171 3.513 -2.375 -5.282 22.302 -8.174 -0.320 4.376 -13.367 
6.012 23.033 1 AA_ZCY1ZGU2:ZCY7ZGU8_AA A 1 ? A 8 ? A 2 ? A 7 ? 
1 A ZCY 1 8_555 A ZGU 8 1_555 A ZGU 2 8_555 A ZCY 7 1_555 -0.280 -4.171 3.513 -2.375 -5.282 22.302 -8.174 -0.320 4.376 -13.367 
6.012 23.033 2 AA_ZCY1ZGU2:ZCY7ZGU8_AA A 1 ? A 8 ? A 2 ? A 7 ? 
# 
_atom_sites.entry_id                    2JJA 
_atom_sites.fract_transf_matrix[1][1]   0.00027185 
_atom_sites.fract_transf_matrix[1][2]   -0.05433902 
_atom_sites.fract_transf_matrix[1][3]   -0.00891413 
_atom_sites.fract_transf_matrix[2][1]   -0.01919959 
_atom_sites.fract_transf_matrix[2][2]   0.00110596 
_atom_sites.fract_transf_matrix[2][3]   -0.00732727 
_atom_sites.fract_transf_matrix[3][1]   0.00601370 
_atom_sites.fract_transf_matrix[3][2]   0.00255189 
_atom_sites.fract_transf_matrix[3][3]   -0.01537249 
_atom_sites.fract_transf_vector[1]      0.021270 
_atom_sites.fract_transf_vector[2]      -0.063588 
_atom_sites.fract_transf_vector[3]      0.267699 
# 
loop_
_atom_type.symbol 
C  
CO 
CU 
MG 
N  
NA 
O  
P  
# 
loop_
_atom_site.group_PDB 
_atom_site.id 
_atom_site.type_symbol 
_atom_site.label_atom_id 
_atom_site.label_alt_id 
_atom_site.label_comp_id 
_atom_site.label_asym_id 
_atom_site.label_entity_id 
_atom_site.label_seq_id 
_atom_site.pdbx_PDB_ins_code 
_atom_site.Cartn_x 
_atom_site.Cartn_y 
_atom_site.Cartn_z 
_atom_site.occupancy 
_atom_site.B_iso_or_equiv 
_atom_site.pdbx_formal_charge 
_atom_site.auth_seq_id 
_atom_site.auth_comp_id 
_atom_site.auth_asym_id 
_atom_site.auth_atom_id 
_atom_site.pdbx_PDB_model_num 
HETATM 1   O  O2  . ZCY A 1 1 ? -3.259  4.527   15.286  1.00 15.67 ? 1    ZCY A O2  1 
HETATM 2   C  C2  . ZCY A 1 1 ? -2.121  4.809   15.710  1.00 14.00 ? 1    ZCY A C2  1 
HETATM 3   N  N3  . ZCY A 1 1 ? -1.215  3.831   15.876  1.00 14.37 ? 1    ZCY A N3  1 
HETATM 4   C  C4  . ZCY A 1 1 ? 0.003   4.068   16.319  1.00 14.99 ? 1    ZCY A C4  1 
HETATM 5   N  N4  . ZCY A 1 1 ? 0.876   3.067   16.474  1.00 16.56 ? 1    ZCY A N4  1 
HETATM 6   C  C5  . ZCY A 1 1 ? 0.357   5.369   16.601  1.00 16.63 ? 1    ZCY A C5  1 
HETATM 7   C  C6  . ZCY A 1 1 ? -0.586  6.355   16.442  1.00 15.76 ? 1    ZCY A C6  1 
HETATM 8   N  N1  . ZCY A 1 1 ? -1.816  6.079   16.007  1.00 15.01 ? 1    ZCY A N1  1 
HETATM 9   C  C1G . ZCY A 1 1 ? -2.822  7.130   15.823  1.00 15.10 ? 1    ZCY A C1G 1 
HETATM 10  C  C2G . ZCY A 1 1 ? -2.806  7.624   14.383  1.00 15.31 ? 1    ZCY A C2G 1 
HETATM 11  O  O2G . ZCY A 1 1 ? -1.569  8.332   14.230  1.00 15.07 ? 1    ZCY A O2G 1 
HETATM 12  C  C3G . ZCY A 1 1 ? -4.044  8.465   14.089  1.00 15.85 ? 1    ZCY A C3G 1 
HETATM 13  O  O3G . ZCY A 1 1 ? -4.194  9.515   15.028  1.00 16.37 ? 1    ZCY A O3G 1 
HETATM 14  P  P   . ZGU A 1 2 ? -0.776  8.354   12.873  1.00 16.39 ? 2    ZGU A P   1 
HETATM 15  O  O1P . ZGU A 1 2 ? 0.560   8.990   13.175  1.00 20.16 ? 2    ZGU A O1P 1 
HETATM 16  O  O2P . ZGU A 1 2 ? -1.606  8.835   11.747  1.00 17.62 ? 2    ZGU A O2P 1 
HETATM 17  O  O3G . ZGU A 1 2 ? -0.527  6.783   12.681  1.00 15.85 ? 2    ZGU A O3G 1 
HETATM 18  C  C3G . ZGU A 1 2 ? -0.606  6.194   11.391  1.00 15.79 ? 2    ZGU A C3G 1 
HETATM 19  C  C2G . ZGU A 1 2 ? 0.056   4.829   11.410  1.00 14.85 ? 2    ZGU A C2G 1 
HETATM 20  O  O2G . ZGU A 1 2 ? 1.466   5.019   11.528  1.00 17.37 ? 2    ZGU A O2G 1 
HETATM 21  C  C1G . ZGU A 1 2 ? -0.390  4.044   12.651  1.00 13.98 ? 2    ZGU A C1G 1 
HETATM 22  N  N9  . ZGU A 1 2 ? 0.216   2.707   12.610  1.00 13.50 ? 2    ZGU A N9  1 
HETATM 23  C  C8  . ZGU A 1 2 ? 1.435   2.373   13.068  1.00 14.61 ? 2    ZGU A C8  1 
HETATM 24  N  N7  . ZGU A 1 2 ? 1.675   1.074   12.867  1.00 14.81 ? 2    ZGU A N7  1 
HETATM 25  C  C4  . ZGU A 1 2 ? -0.335  1.612   12.079  1.00 12.60 ? 2    ZGU A C4  1 
HETATM 26  C  C5  . ZGU A 1 2 ? 0.582   0.587   12.240  1.00 13.22 ? 2    ZGU A C5  1 
HETATM 27  N  N3  . ZGU A 1 2 ? -1.534  1.460   11.470  1.00 12.71 ? 2    ZGU A N3  1 
HETATM 28  C  C2  . ZGU A 1 2 ? -1.823  0.248   11.019  1.00 13.35 ? 2    ZGU A C2  1 
HETATM 29  N  N2  . ZGU A 1 2 ? -3.000  0.031   10.420  1.00 14.03 ? 2    ZGU A N2  1 
HETATM 30  N  N1  . ZGU A 1 2 ? -0.960  -0.775  11.140  1.00 12.53 ? 2    ZGU A N1  1 
HETATM 31  C  C6  . ZGU A 1 2 ? 0.258   -0.673  11.728  1.00 13.07 ? 2    ZGU A C6  1 
HETATM 32  O  O6  . ZGU A 1 2 ? 0.997   -1.700  11.809  1.00 15.88 ? 2    ZGU A O6  1 
HETATM 33  P  P   . ZHP A 1 3 ? 2.570   5.030   10.424  1.00 23.03 ? 3    ZHP A P   1 
HETATM 34  O  O1P . ZHP A 1 3 ? 3.959   5.319   10.898  1.00 28.77 ? 3    ZHP A O1P 1 
HETATM 35  O  O2P . ZHP A 1 3 ? 1.940   5.789   9.319   1.00 27.51 ? 3    ZHP A O2P 1 
HETATM 36  O  O3G . ZHP A 1 3 ? 2.550   3.499   10.011  1.00 19.44 ? 3    ZHP A O3G 1 
HETATM 37  C  C3G . ZHP A 1 3 ? 3.487   3.038   9.057   1.00 18.68 ? 3    ZHP A C3G 1 
HETATM 38  C  C2G . ZHP A 1 3 ? 2.924   1.806   8.373   1.00 16.95 ? 3    ZHP A C2G 1 
HETATM 39  O  O2G . ZHP A 1 3 ? 3.997   1.139   7.753   1.00 16.71 ? 3    ZHP A O2G 1 
HETATM 40  C  C1G . ZHP A 1 3 ? 2.301   0.862   9.389   1.00 16.55 ? 3    ZHP A C1G 1 
HETATM 41  N  N1  . ZHP A 1 3 ? 1.820   -0.403  8.812   1.00 15.89 ? 3    ZHP A N1  1 
HETATM 42  C  C2  . ZHP A 1 3 ? 0.596   -0.392  8.152   1.00 15.69 ? 3    ZHP A C2  1 
HETATM 43  C  C2M . ZHP A 1 3 ? -0.209  0.853   7.983   1.00 17.50 ? 3    ZHP A C2M 1 
HETATM 44  C  C3  . ZHP A 1 3 ? 0.082   -1.655  7.601   1.00 15.63 ? 3    ZHP A C3  1 
HETATM 45  O  O3  . ZHP A 1 3 ? -1.074  -1.724  6.915   1.00 17.31 ? 3    ZHP A O3  1 
HETATM 46  C  C6  . ZHP A 1 3 ? 2.538   -1.524  8.954   1.00 16.81 ? 3    ZHP A C6  1 
HETATM 47  C  C5  . ZHP A 1 3 ? 2.114   -2.739  8.452   1.00 17.34 ? 3    ZHP A C5  1 
HETATM 48  C  C4  . ZHP A 1 3 ? 0.891   -2.838  7.781   1.00 16.99 ? 3    ZHP A C4  1 
HETATM 49  O  O4  . ZHP A 1 3 ? 0.424   -3.881  7.278   1.00 16.64 ? 3    ZHP A O4  1 
HETATM 50  O  O2P . ZAD A 1 4 ? 5.487   0.479   5.910   1.00 24.36 ? 4    ZAD A O2P 1 
HETATM 51  P  P   . ZAD A 1 4 ? 4.283   1.306   6.209   1.00 18.94 ? 4    ZAD A P   1 
HETATM 52  O  O1P . ZAD A 1 4 ? 4.285   2.743   5.808   1.00 23.02 ? 4    ZAD A O1P 1 
HETATM 53  O  O3G . ZAD A 1 4 ? 2.994   0.596   5.594   1.00 19.19 ? 4    ZAD A O3G 1 
HETATM 54  C  C3G . ZAD A 1 4 ? 2.621   0.814   4.234   1.00 20.12 ? 4    ZAD A C3G 1 
HETATM 55  C  C2G . ZAD A 1 4 ? 2.236   -0.493  3.560   1.00 18.87 ? 4    ZAD A C2G 1 
HETATM 56  O  O2G . ZAD A 1 4 ? 3.387   -1.310  3.384   1.00 18.82 ? 4    ZAD A O2G 1 
HETATM 57  C  C1G . ZAD A 1 4 ? 1.316   -1.239  4.508   1.00 17.23 ? 4    ZAD A C1G 1 
HETATM 58  N  N9  . ZAD A 1 4 ? 0.905   -2.550  3.997   1.00 17.93 ? 4    ZAD A N9  1 
HETATM 59  C  C4  . ZAD A 1 4 ? -0.192  -2.788  3.226   1.00 16.70 ? 4    ZAD A C4  1 
HETATM 60  N  N3  . ZAD A 1 4 ? -1.123  -1.946  2.725   1.00 16.53 ? 4    ZAD A N3  1 
HETATM 61  C  C2  . ZAD A 1 4 ? -2.091  -2.502  1.974   1.00 17.23 ? 4    ZAD A C2  1 
HETATM 62  N  N1  . ZAD A 1 4 ? -2.161  -3.812  1.736   1.00 17.89 ? 4    ZAD A N1  1 
HETATM 63  C  C6  . ZAD A 1 4 ? -1.252  -4.681  2.222   1.00 18.41 ? 4    ZAD A C6  1 
HETATM 64  N  N6  . ZAD A 1 4 ? -1.360  -5.995  1.992   1.00 18.86 ? 4    ZAD A N6  1 
HETATM 65  C  C5  . ZAD A 1 4 ? -0.234  -4.155  3.017   1.00 17.29 ? 4    ZAD A C5  1 
HETATM 66  N  N7  . ZAD A 1 4 ? 0.842   -4.734  3.651   1.00 19.17 ? 4    ZAD A N7  1 
HETATM 67  C  C8  . ZAD A 1 4 ? 1.505   -3.713  4.240   1.00 20.41 ? 4    ZAD A C8  1 
HETATM 68  O  O4  . ZTH A 1 5 ? -2.712  -6.325  -2.742  1.00 19.12 ? 5    ZTH A O4  1 
HETATM 69  C  C4  . ZTH A 1 5 ? -1.872  -5.627  -2.120  1.00 17.94 ? 5    ZTH A C4  1 
HETATM 70  N  N3  . ZTH A 1 5 ? -2.044  -4.303  -2.021  1.00 16.17 ? 5    ZTH A N3  1 
HETATM 71  C  C2  . ZTH A 1 5 ? -1.187  -3.484  -1.384  1.00 16.08 ? 5    ZTH A C2  1 
HETATM 72  O  O2  . ZTH A 1 5 ? -1.400  -2.258  -1.323  1.00 16.74 ? 5    ZTH A O2  1 
HETATM 73  C  C5  . ZTH A 1 5 ? -0.719  -6.179  -1.564  1.00 18.72 ? 5    ZTH A C5  1 
HETATM 74  C  C5M . ZTH A 1 5 ? -0.410  -7.657  -1.616  1.00 20.76 ? 5    ZTH A C5M 1 
HETATM 75  C  C6  . ZTH A 1 5 ? 0.161   -5.333  -0.924  1.00 18.13 ? 5    ZTH A C6  1 
HETATM 76  N  N1  . ZTH A 1 5 ? -0.073  -4.002  -0.839  1.00 16.95 ? 5    ZTH A N1  1 
HETATM 77  C  C1G . ZTH A 1 5 ? 0.890   -3.164  -0.123  1.00 17.55 ? 5    ZTH A C1G 1 
HETATM 78  C  C2G . ZTH A 1 5 ? 1.966   -2.572  -1.020  1.00 19.28 ? 5    ZTH A C2G 1 
HETATM 79  O  O2G . ZTH A 1 5 ? 2.825   -3.644  -1.356  1.00 21.04 ? 5    ZTH A O2G 1 
HETATM 80  C  C3G . ZTH A 1 5 ? 2.760   -1.537  -0.252  1.00 20.72 ? 5    ZTH A C3G 1 
HETATM 81  O  O3G . ZTH A 1 5 ? 2.996   -2.014  1.077   1.00 21.70 ? 5    ZTH A O3G 1 
HETATM 82  P  P   . ZTH A 1 5 ? 4.141   -1.381  1.990   1.00 22.38 ? 5    ZTH A P   1 
HETATM 83  O  O1P . ZTH A 1 5 ? 5.251   -2.380  2.184   1.00 26.69 ? 5    ZTH A O1P 1 
HETATM 84  O  O2P . ZTH A 1 5 ? 4.374   0.029   1.539   1.00 25.27 ? 5    ZTH A O2P 1 
HETATM 85  P  P   . ZHP A 1 6 ? 3.505   -3.755  -2.769  1.00 24.81 ? 6    ZHP A P   1 
HETATM 86  O  O1P . ZHP A 1 6 ? 4.379   -4.971  -2.787  1.00 28.96 ? 6    ZHP A O1P 1 
HETATM 87  O  O2P . ZHP A 1 6 ? 4.093   -2.420  -3.109  1.00 30.20 ? 6    ZHP A O2P 1 
HETATM 88  O  O3G . ZHP A 1 6 ? 2.218   -4.025  -3.646  1.00 22.23 ? 6    ZHP A O3G 1 
HETATM 89  C  C3G . ZHP A 1 6 ? 2.316   -4.541  -4.962  1.00 20.00 ? 6    ZHP A C3G 1 
HETATM 90  C  C2G . ZHP A 1 6 ? 1.047   -4.160  -5.705  1.00 18.57 ? 6    ZHP A C2G 1 
HETATM 91  O  O2G . ZHP A 1 6 ? 1.081   -4.843  -6.953  1.00 18.67 ? 6    ZHP A O2G 1 
HETATM 92  C  C1G . ZHP A 1 6 ? -0.201  -4.549  -4.904  1.00 19.08 ? 6    ZHP A C1G 1 
HETATM 93  N  N1  . ZHP A 1 6 ? -1.429  -4.234  -5.622  1.00 16.54 ? 6    ZHP A N1  1 
HETATM 94  C  C2  . ZHP A 1 6 ? -1.900  -2.923  -5.578  1.00 16.26 ? 6    ZHP A C2  1 
HETATM 95  C  C2M . ZHP A 1 6 ? -1.230  -1.826  -4.825  1.00 18.04 ? 6    ZHP A C2M 1 
HETATM 96  C  C3  . ZHP A 1 6 ? -3.125  -2.614  -6.294  1.00 15.44 ? 6    ZHP A C3  1 
HETATM 97  O  O3  . ZHP A 1 6 ? -3.687  -1.398  -6.382  1.00 16.06 ? 6    ZHP A O3  1 
HETATM 98  C  C6  . ZHP A 1 6 ? -2.087  -5.195  -6.304  1.00 17.47 ? 6    ZHP A C6  1 
HETATM 99  C  C5  . ZHP A 1 6 ? -3.240  -4.927  -7.025  1.00 17.24 ? 6    ZHP A C5  1 
HETATM 100 C  C4  . ZHP A 1 6 ? -3.787  -3.652  -7.035  1.00 17.12 ? 6    ZHP A C4  1 
HETATM 101 O  O4  . ZHP A 1 6 ? -4.836  -3.303  -7.641  1.00 16.88 ? 6    ZHP A O4  1 
HETATM 102 O  O2  . ZCY A 1 7 ? -2.930  0.643   -9.718  1.00 14.81 ? 7    ZCY A O2  1 
HETATM 103 C  C2  . ZCY A 1 7 ? -3.631  -0.273  -10.216 1.00 13.15 ? 7    ZCY A C2  1 
HETATM 104 N  N3  . ZCY A 1 7 ? -4.756  0.046   -10.870 1.00 13.00 ? 7    ZCY A N3  1 
HETATM 105 C  C4  . ZCY A 1 7 ? -5.483  -0.933  -11.422 1.00 13.76 ? 7    ZCY A C4  1 
HETATM 106 N  N4  . ZCY A 1 7 ? -6.609  -0.610  -12.074 1.00 14.84 ? 7    ZCY A N4  1 
HETATM 107 C  C5  . ZCY A 1 7 ? -5.078  -2.273  -11.356 1.00 14.54 ? 7    ZCY A C5  1 
HETATM 108 C  C6  . ZCY A 1 7 ? -3.925  -2.577  -10.671 1.00 14.03 ? 7    ZCY A C6  1 
HETATM 109 N  N1  . ZCY A 1 7 ? -3.236  -1.576  -10.115 1.00 13.46 ? 7    ZCY A N1  1 
HETATM 110 C  C1G . ZCY A 1 7 ? -2.034  -1.887  -9.327  1.00 14.35 ? 7    ZCY A C1G 1 
HETATM 111 C  C2G . ZCY A 1 7 ? -0.748  -1.635  -10.058 1.00 13.97 ? 7    ZCY A C2G 1 
HETATM 112 O  O2G . ZCY A 1 7 ? -0.668  -2.533  -11.165 1.00 13.35 ? 7    ZCY A O2G 1 
HETATM 113 C  C3G . ZCY A 1 7 ? 0.430   -1.867  -9.139  1.00 15.70 ? 7    ZCY A C3G 1 
HETATM 114 O  O3G . ZCY A 1 7 ? 0.295   -3.110  -8.451  1.00 17.66 ? 7    ZCY A O3G 1 
HETATM 115 P  P   . ZCY A 1 7 ? 1.542   -4.103  -8.264  1.00 19.13 ? 7    ZCY A P   1 
HETATM 116 O  O2P . ZCY A 1 7 ? 1.521   -5.194  -9.296  1.00 22.13 ? 7    ZCY A O2P 1 
HETATM 117 O  O1P . ZCY A 1 7 ? 2.803   -3.301  -8.087  1.00 22.51 ? 7    ZCY A O1P 1 
HETATM 118 P  P   . ZGU A 1 8 ? 0.027   -2.102  -12.505 1.00 14.31 ? 8    ZGU A P   1 
HETATM 119 O  O1P . ZGU A 1 8 ? -0.048  -3.289  -13.381 1.00 15.89 ? 8    ZGU A O1P 1 
HETATM 120 O  O2P . ZGU A 1 8 ? 1.378   -1.508  -12.276 1.00 16.95 ? 8    ZGU A O2P 1 
HETATM 121 O  O3G . ZGU A 1 8 ? -0.989  -0.972  -12.987 1.00 15.33 ? 8    ZGU A O3G 1 
HETATM 122 C  C3G . ZGU A 1 8 ? -0.503  0.151   -13.737 1.00 16.07 ? 8    ZGU A C3G 1 
HETATM 123 C  C2G . ZGU A 1 8 ? -1.664  0.919   -14.347 1.00 15.98 ? 8    ZGU A C2G 1 
HETATM 124 O  O2G . ZGU A 1 8 ? -2.287  0.152   -15.365 1.00 16.66 ? 8    ZGU A O2G 1 
HETATM 125 C  C1G . ZGU A 1 8 ? -2.737  1.176   -13.306 1.00 15.11 ? 8    ZGU A C1G 1 
HETATM 126 N  N9  . ZGU A 1 8 ? -3.850  1.962   -13.865 1.00 15.09 ? 8    ZGU A N9  1 
HETATM 127 C  C8  . ZGU A 1 8 ? -4.978  1.495   -14.414 1.00 15.91 ? 8    ZGU A C8  1 
HETATM 128 N  N7  . ZGU A 1 8 ? -5.771  2.504   -14.820 1.00 15.57 ? 8    ZGU A N7  1 
HETATM 129 C  C4  . ZGU A 1 8 ? -3.923  3.290   -13.884 1.00 13.65 ? 8    ZGU A C4  1 
HETATM 130 C  C5  . ZGU A 1 8 ? -5.144  3.655   -14.472 1.00 14.26 ? 8    ZGU A C5  1 
HETATM 131 N  N3  . ZGU A 1 8 ? -3.029  4.201   -13.416 1.00 14.17 ? 8    ZGU A N3  1 
HETATM 132 C  C2  . ZGU A 1 8 ? -3.385  5.481   -13.548 1.00 14.38 ? 8    ZGU A C2  1 
HETATM 133 N  N2  . ZGU A 1 8 ? -2.567  6.445   -13.105 1.00 15.63 ? 8    ZGU A N2  1 
HETATM 134 N  N1  . ZGU A 1 8 ? -4.568  5.851   -14.096 1.00 13.66 ? 8    ZGU A N1  1 
HETATM 135 C  C6  . ZGU A 1 8 ? -5.471  4.995   -14.586 1.00 14.03 ? 8    ZGU A C6  1 
HETATM 136 O  O6  . ZGU A 1 8 ? -6.548  5.423   -15.080 1.00 14.97 ? 8    ZGU A O6  1 
HETATM 137 CU CU  . CU  B 2 . ? -5.216  -1.395  -7.426  1.00 16.61 ? 1001 CU  A CU  1 
HETATM 138 MG MG  . MG  C 3 . ? -8.500  -5.384  -8.813  1.00 22.68 ? 1002 MG  A MG  1 
HETATM 139 MG MG  . MG  D 3 . ? 4.977   -2.398  -13.557 0.50 24.79 ? 1003 MG  A MG  1 
HETATM 140 CO CO  . NCO E 4 . ? 8.369   -0.069  3.544   0.50 20.84 ? 1004 NCO A CO  1 
HETATM 141 N  N1  . NCO E 4 . ? 8.521   0.524   5.439   0.50 18.30 ? 1004 NCO A N1  1 
HETATM 142 N  N2  . NCO E 4 . ? 8.240   -0.623  1.645   0.50 21.26 ? 1004 NCO A N2  1 
HETATM 143 N  N3  . NCO E 4 . ? 9.955   -1.228  3.821   0.50 22.00 ? 1004 NCO A N3  1 
HETATM 144 N  N4  . NCO E 4 . ? 9.585   1.402   2.992   0.50 22.06 ? 1004 NCO A N4  1 
HETATM 145 N  N5  . NCO E 4 . ? 6.758   1.079   3.338   0.50 21.28 ? 1004 NCO A N5  1 
HETATM 146 N  N6  . NCO E 4 . ? 7.144   -1.517  4.159   0.50 20.52 ? 1004 NCO A N6  1 
HETATM 147 CO CO  . NCO F 4 . ? -9.732  2.532   -16.076 0.50 27.41 ? 1005 NCO A CO  1 
HETATM 148 N  N1  . NCO F 4 . ? -9.058  1.865   -14.333 0.50 27.43 ? 1005 NCO A N1  1 
HETATM 149 N  N2  . NCO F 4 . ? -10.439 3.180   -17.817 0.50 26.88 ? 1005 NCO A N2  1 
HETATM 150 N  N3  . NCO F 4 . ? -10.448 0.733   -16.505 0.50 28.28 ? 1005 NCO A N3  1 
HETATM 151 N  N4  . NCO F 4 . ? -7.989  2.103   -16.900 0.50 26.86 ? 1005 NCO A N4  1 
HETATM 152 N  N5  . NCO F 4 . ? -9.031  4.321   -15.603 0.50 26.29 ? 1005 NCO A N5  1 
HETATM 153 N  N6  . NCO F 4 . ? -11.468 2.938   -15.221 0.50 27.64 ? 1005 NCO A N6  1 
HETATM 154 NA NA  . NA  G 5 . ? 5.837   1.129   11.309  1.00 78.25 ? 1006 NA  A NA  1 
HETATM 155 O  O   . HOH H 6 . ? 3.072   2.715   18.719  0.50 26.29 ? 2001 HOH A O   1 
HETATM 156 O  O   . HOH H 6 . ? -5.584  5.162   13.980  1.00 25.95 ? 2002 HOH A O   1 
HETATM 157 O  O   . HOH H 6 . ? -7.686  6.409   15.165  1.00 26.06 ? 2003 HOH A O   1 
HETATM 158 O  O   . HOH H 6 . ? -4.470  5.619   11.556  1.00 29.76 ? 2004 HOH A O   1 
HETATM 159 O  O   . HOH H 6 . ? -3.885  1.965   7.405   1.00 53.43 ? 2005 HOH A O   1 
HETATM 160 O  O   . HOH H 6 . ? -3.457  7.242   7.956   1.00 32.88 ? 2006 HOH A O   1 
HETATM 161 O  O   . HOH H 6 . ? -1.887  4.548   8.215   1.00 35.61 ? 2007 HOH A O   1 
HETATM 162 O  O   . HOH H 6 . ? 5.567   -1.030  10.608  0.50 23.54 ? 2008 HOH A O   1 
HETATM 163 O  O   . HOH H 6 . ? 3.755   -8.256  5.599   1.00 26.16 ? 2009 HOH A O   1 
HETATM 164 O  O   . HOH H 6 . ? 6.580   6.124   7.548   1.00 52.68 ? 2010 HOH A O   1 
HETATM 165 O  O   . HOH H 6 . ? -1.135  7.607   7.803   1.00 37.64 ? 2011 HOH A O   1 
HETATM 166 O  O   . HOH H 6 . ? 4.208   -6.567  3.237   1.00 46.16 ? 2012 HOH A O   1 
HETATM 167 O  O   . HOH H 6 . ? 3.264   7.215   5.294   1.00 50.78 ? 2013 HOH A O   1 
HETATM 168 O  O   . HOH H 6 . ? 2.059   -9.114  0.602   1.00 41.35 ? 2014 HOH A O   1 
HETATM 169 O  O   . HOH H 6 . ? -0.913  2.204   4.440   1.00 47.27 ? 2015 HOH A O   1 
HETATM 170 O  O   . HOH H 6 . ? 0.513   1.489   0.932   1.00 46.45 ? 2016 HOH A O   1 
HETATM 171 O  O   . HOH H 6 . ? -1.844  -9.213  -6.169  1.00 43.78 ? 2017 HOH A O   1 
HETATM 172 O  O   . HOH H 6 . ? 2.296   -8.494  -3.971  1.00 46.72 ? 2018 HOH A O   1 
HETATM 173 O  O   . HOH H 6 . ? 1.517   -0.365  -5.964  1.00 45.95 ? 2019 HOH A O   1 
HETATM 174 O  O   . HOH H 6 . ? 0.694   -11.252 -1.043  1.00 54.05 ? 2020 HOH A O   1 
HETATM 175 O  O   . HOH H 6 . ? -1.609  4.041   0.441   1.00 65.98 ? 2021 HOH A O   1 
HETATM 176 O  O   . HOH H 6 . ? 3.919   9.143   12.920  1.00 28.88 ? 2022 HOH A O   1 
HETATM 177 O  O   . HOH H 6 . ? 2.424   9.073   11.057  1.00 26.10 ? 2023 HOH A O   1 
HETATM 178 O  O   . HOH H 6 . ? -3.177  3.531   10.434  1.00 25.70 ? 2024 HOH A O   1 
HETATM 179 O  O   . HOH H 6 . ? -3.765  8.053   10.347  1.00 23.48 ? 2025 HOH A O   1 
HETATM 180 O  O   . HOH H 6 . ? -5.440  1.840   10.008  1.00 33.86 ? 2026 HOH A O   1 
HETATM 181 O  O   . HOH H 6 . ? 3.388   5.017   14.384  1.00 33.56 ? 2027 HOH A O   1 
HETATM 182 O  O   . HOH H 6 . ? 1.463   11.109  14.547  1.00 31.13 ? 2028 HOH A O   1 
HETATM 183 O  O   . HOH H 6 . ? 4.497   0.514   12.714  1.00 33.85 ? 2029 HOH A O   1 
HETATM 184 O  O   . HOH H 6 . ? 2.662   7.683   14.350  1.00 29.73 ? 2030 HOH A O   1 
HETATM 185 O  O   . HOH H 6 . ? 0.059   1.241   -7.254  1.00 48.04 ? 2031 HOH A O   1 
HETATM 186 O  O   . HOH H 6 . ? 0.885   -9.608  -10.735 1.00 50.95 ? 2032 HOH A O   1 
HETATM 187 O  O   . HOH H 6 . ? 3.640   -7.906  -7.007  1.00 51.65 ? 2033 HOH A O   1 
HETATM 188 O  O   . HOH H 6 . ? 4.516   -0.274  -9.808  1.00 48.21 ? 2034 HOH A O   1 
HETATM 189 O  O   . HOH H 6 . ? 0.394   -7.797  -12.697 1.00 48.27 ? 2035 HOH A O   1 
HETATM 190 O  O   . HOH H 6 . ? 5.873   -0.385  -12.437 1.00 51.91 ? 2036 HOH A O   1 
HETATM 191 O  O   . HOH H 6 . ? 5.923   2.864   12.461  1.00 42.88 ? 2037 HOH A O   1 
HETATM 192 O  O   . HOH H 6 . ? 2.046   -5.948  7.114   1.00 33.34 ? 2038 HOH A O   1 
HETATM 193 O  O   . HOH H 6 . ? 1.209   8.274   8.559   1.00 33.15 ? 2039 HOH A O   1 
HETATM 194 O  O   . HOH H 6 . ? 5.155   7.459   9.263   1.00 41.78 ? 2040 HOH A O   1 
HETATM 195 O  O   . HOH H 6 . ? 7.040   1.902   9.176   1.00 46.45 ? 2041 HOH A O   1 
HETATM 196 O  O   . HOH H 6 . ? 4.340   -2.941  6.104   1.00 37.22 ? 2042 HOH A O   1 
HETATM 197 O  O   . HOH H 6 . ? 2.841   -6.293  1.144   1.00 37.73 ? 2043 HOH A O   1 
HETATM 198 O  O   . HOH H 6 . ? 2.809   4.543   4.905   1.00 40.81 ? 2044 HOH A O   1 
HETATM 199 O  O   . HOH H 6 . ? 6.305   -1.323  7.881   0.50 20.17 ? 2045 HOH A O   1 
HETATM 200 O  O   . HOH H 6 . ? 1.362   -7.265  4.442   1.00 28.16 ? 2046 HOH A O   1 
HETATM 201 O  O   . HOH H 6 . ? -0.944  0.711   2.301   1.00 46.73 ? 2047 HOH A O   1 
HETATM 202 O  O   . HOH H 6 . ? -2.125  -0.103  4.558   1.00 43.30 ? 2048 HOH A O   1 
HETATM 203 O  O   . HOH H 6 . ? 6.640   3.861   6.789   1.00 38.47 ? 2049 HOH A O   1 
HETATM 204 O  O   . HOH H 6 . ? 0.182   -8.526  2.406   1.00 41.56 ? 2050 HOH A O   1 
HETATM 205 O  O   . HOH H 6 . ? 4.917   -4.574  4.502   1.00 39.64 ? 2051 HOH A O   1 
HETATM 206 O  O   . HOH H 6 . ? 3.065   2.037   0.679   1.00 41.35 ? 2052 HOH A O   1 
HETATM 207 O  O   . HOH H 6 . ? -3.033  -8.671  -3.903  1.00 32.14 ? 2053 HOH A O   1 
HETATM 208 O  O   . HOH H 6 . ? -0.428  0.206   -1.495  1.00 41.33 ? 2054 HOH A O   1 
HETATM 209 O  O   . HOH H 6 . ? 5.633   -1.719  -5.277  1.00 48.73 ? 2055 HOH A O   1 
HETATM 210 O  O   . HOH H 6 . ? 2.296   -0.001  -3.633  1.00 48.01 ? 2056 HOH A O   1 
HETATM 211 O  O   . HOH H 6 . ? 6.271   -5.130  -5.072  1.00 56.36 ? 2057 HOH A O   1 
HETATM 212 O  O   . HOH H 6 . ? 0.204   -7.922  -5.451  1.00 33.32 ? 2058 HOH A O   1 
HETATM 213 O  O   . HOH H 6 . ? 6.626   -1.821  -1.451  1.00 51.00 ? 2059 HOH A O   1 
HETATM 214 O  O   . HOH H 6 . ? -6.194  -5.115  -9.157  1.00 22.07 ? 2060 HOH A O   1 
HETATM 215 O  O   . HOH H 6 . ? -0.543  -5.517  -11.021 1.00 27.78 ? 2061 HOH A O   1 
HETATM 216 O  O   . HOH H 6 . ? 5.197   -4.566  -7.633  1.00 39.83 ? 2062 HOH A O   1 
HETATM 217 O  O   . HOH H 6 . ? 3.261   -5.473  -11.599 1.00 40.96 ? 2063 HOH A O   1 
HETATM 218 O  O   . HOH H 6 . ? 3.579   -1.012  -7.448  1.00 41.54 ? 2064 HOH A O   1 
HETATM 219 O  O   . HOH H 6 . ? -2.274  0.973   -7.051  1.00 33.95 ? 2065 HOH A O   1 
HETATM 220 O  O   . HOH H 6 . ? 0.884   -7.734  -8.255  1.00 48.24 ? 2066 HOH A O   1 
HETATM 221 O  O   . HOH H 6 . ? 0.124   1.900   -10.234 1.00 31.91 ? 2067 HOH A O   1 
HETATM 222 O  O   . HOH H 6 . ? 0.316   6.806   -12.058 1.00 34.60 ? 2068 HOH A O   1 
HETATM 223 O  O   . HOH H 6 . ? 1.740   -5.114  -13.781 1.00 28.82 ? 2069 HOH A O   1 
HETATM 224 O  O   . HOH H 6 . ? 2.333   0.691   -11.025 1.00 31.45 ? 2070 HOH A O   1 
HETATM 225 O  O   . HOH H 6 . ? -4.143  -1.900  -14.823 1.00 21.12 ? 2071 HOH A O   1 
HETATM 226 O  O   . HOH H 6 . ? 3.886   -2.533  -11.499 1.00 38.68 ? 2072 HOH A O   1 
HETATM 227 O  O   . HOH H 6 . ? 3.405   -0.697  -14.107 1.00 39.02 ? 2073 HOH A O   1 
HETATM 228 O  O   . HOH H 6 . ? -0.473  3.639   -12.270 1.00 21.56 ? 2074 HOH A O   1 
HETATM 229 O  O   . HOH H 6 . ? 7.996   3.979   3.262   1.00 47.24 ? 2075 HOH A O   1 
HETATM 230 O  O   . HOH H 6 . ? -9.630  -1.874  -16.177 1.00 61.85 ? 2076 HOH A O   1 
HETATM 231 O  O   . HOH H 6 . ? -5.123  0.334   -18.163 1.00 33.95 ? 2077 HOH A O   1 
HETATM 232 O  O   . HOH H 6 . ? -7.969  1.853   -20.002 1.00 36.23 ? 2078 HOH A O   1 
HETATM 233 O  O   . HOH H 6 . ? -7.250  -0.230  -16.392 1.00 73.24 ? 2079 HOH A O   1 
HETATM 234 O  O   . HOH H 6 . ? -11.701 2.648   -13.592 0.50 31.64 ? 2080 HOH A O   1 
# 
loop_
_atom_site_anisotrop.id 
_atom_site_anisotrop.type_symbol 
_atom_site_anisotrop.pdbx_label_atom_id 
_atom_site_anisotrop.pdbx_label_alt_id 
_atom_site_anisotrop.pdbx_label_comp_id 
_atom_site_anisotrop.pdbx_label_asym_id 
_atom_site_anisotrop.pdbx_label_seq_id 
_atom_site_anisotrop.pdbx_PDB_ins_code 
_atom_site_anisotrop.U[1][1] 
_atom_site_anisotrop.U[2][2] 
_atom_site_anisotrop.U[3][3] 
_atom_site_anisotrop.U[1][2] 
_atom_site_anisotrop.U[1][3] 
_atom_site_anisotrop.U[2][3] 
_atom_site_anisotrop.pdbx_auth_seq_id 
_atom_site_anisotrop.pdbx_auth_comp_id 
_atom_site_anisotrop.pdbx_auth_asym_id 
_atom_site_anisotrop.pdbx_auth_atom_id 
1   O  O2  . ZCY A 1 ? 0.2122 0.1743 0.2088 0.0212  0.0105  0.0186  1    ZCY A O2  
2   C  C2  . ZCY A 1 ? 0.2101 0.1631 0.1586 0.0240  0.0342  0.0007  1    ZCY A C2  
3   N  N3  . ZCY A 1 ? 0.2079 0.1573 0.1806 0.0166  0.0096  0.0005  1    ZCY A N3  
4   C  C4  . ZCY A 1 ? 0.2153 0.1612 0.1929 0.0128  -0.0121 0.0196  1    ZCY A C4  
5   N  N4  . ZCY A 1 ? 0.2192 0.1796 0.2302 0.0236  -0.0030 0.0038  1    ZCY A N4  
6   C  C5  . ZCY A 1 ? 0.2267 0.1792 0.2257 -0.0003 -0.0050 0.0000  1    ZCY A C5  
7   C  C6  . ZCY A 1 ? 0.2435 0.1639 0.1912 0.0001  0.0008  0.0015  1    ZCY A C6  
8   N  N1  . ZCY A 1 ? 0.2209 0.1705 0.1787 0.0130  0.0190  0.0165  1    ZCY A N1  
9   C  C1G . ZCY A 1 ? 0.2263 0.1668 0.1806 0.0216  0.0265  0.0090  1    ZCY A C1G 
10  C  C2G . ZCY A 1 ? 0.2643 0.1370 0.1801 0.0165  0.0321  0.0062  1    ZCY A C2G 
11  O  O2G . ZCY A 1 ? 0.2787 0.1017 0.1921 0.0150  0.0392  -0.0263 1    ZCY A O2G 
12  C  C3G . ZCY A 1 ? 0.2609 0.1642 0.1770 0.0086  0.0021  -0.0012 1    ZCY A C3G 
13  O  O3G . ZCY A 1 ? 0.2739 0.1731 0.1748 0.0206  0.0286  0.0064  1    ZCY A O3G 
14  P  P   . ZGU A 2 ? 0.3042 0.1114 0.2071 0.0045  0.0629  -0.0201 2    ZGU A P   
15  O  O1P . ZGU A 2 ? 0.3266 0.1511 0.2884 -0.0221 0.0458  -0.0082 2    ZGU A O1P 
16  O  O2P . ZGU A 2 ? 0.3385 0.1286 0.2021 0.0039  0.0669  -0.0052 2    ZGU A O2P 
17  O  O3G . ZGU A 2 ? 0.2783 0.1225 0.2011 0.0166  0.0599  -0.0262 2    ZGU A O3G 
18  C  C3G . ZGU A 2 ? 0.2568 0.1281 0.2150 -0.0095 0.0505  -0.0257 2    ZGU A C3G 
19  C  C2G . ZGU A 2 ? 0.2404 0.1197 0.2040 -0.0069 0.0431  -0.0275 2    ZGU A C2G 
20  O  O2G . ZGU A 2 ? 0.2556 0.1566 0.2477 -0.0112 0.0816  -0.0494 2    ZGU A O2G 
21  C  C1G . ZGU A 2 ? 0.2112 0.1216 0.1983 0.0047  0.0327  -0.0170 2    ZGU A C1G 
22  N  N9  . ZGU A 2 ? 0.2210 0.1072 0.1843 -0.0032 0.0228  -0.0174 2    ZGU A N9  
23  C  C8  . ZGU A 2 ? 0.2300 0.1378 0.1870 -0.0015 0.0232  -0.0221 2    ZGU A C8  
24  N  N7  . ZGU A 2 ? 0.2245 0.1364 0.2017 -0.0008 0.0074  -0.0123 2    ZGU A N7  
25  C  C4  . ZGU A 2 ? 0.1764 0.1356 0.1664 -0.0095 0.0361  -0.0005 2    ZGU A C4  
26  C  C5  . ZGU A 2 ? 0.2007 0.1288 0.1728 0.0097  0.0230  -0.0164 2    ZGU A C5  
27  N  N3  . ZGU A 2 ? 0.1815 0.1221 0.1793 -0.0010 0.0372  -0.0033 2    ZGU A N3  
28  C  C2  . ZGU A 2 ? 0.2025 0.1190 0.1858 -0.0113 0.0372  0.0050  2    ZGU A C2  
29  N  N2  . ZGU A 2 ? 0.1945 0.1177 0.2206 0.0076  0.0265  0.0058  2    ZGU A N2  
30  N  N1  . ZGU A 2 ? 0.1891 0.1208 0.1659 0.0016  0.0232  0.0080  2    ZGU A N1  
31  C  C6  . ZGU A 2 ? 0.2005 0.1303 0.1656 0.0181  0.0246  -0.0064 2    ZGU A C6  
32  O  O6  . ZGU A 2 ? 0.2417 0.1369 0.2248 0.0293  -0.0071 -0.0085 2    ZGU A O6  
33  P  P   . ZHP A 3 ? 0.2960 0.2130 0.3658 -0.0174 0.1270  -0.0614 3    ZHP A P   
34  O  O1P . ZHP A 3 ? 0.3292 0.2831 0.4808 -0.0793 0.1020  -0.0973 3    ZHP A O1P 
35  O  O2P . ZHP A 3 ? 0.4028 0.2997 0.3426 0.0301  0.1191  -0.0558 3    ZHP A O2P 
36  O  O3G . ZHP A 3 ? 0.2405 0.1957 0.3023 0.0082  0.0805  -0.0698 3    ZHP A O3G 
37  C  C3G . ZHP A 3 ? 0.2367 0.2224 0.2503 -0.0130 0.0660  -0.0337 3    ZHP A C3G 
38  C  C2G . ZHP A 3 ? 0.2063 0.1931 0.2445 -0.0152 0.0497  -0.0136 3    ZHP A C2G 
39  O  O2G . ZHP A 3 ? 0.2224 0.2291 0.1833 0.0054  0.0211  -0.0144 3    ZHP A O2G 
40  C  C1G . ZHP A 3 ? 0.2217 0.1960 0.2108 -0.0263 0.0376  -0.0254 3    ZHP A C1G 
41  N  N1  . ZHP A 3 ? 0.2232 0.1724 0.2080 -0.0196 0.0231  -0.0093 3    ZHP A N1  
42  C  C2  . ZHP A 3 ? 0.2039 0.1919 0.2003 -0.0222 0.0389  0.0095  3    ZHP A C2  
43  C  C2M . ZHP A 3 ? 0.2085 0.2040 0.2524 0.0037  0.0553  0.0200  3    ZHP A C2M 
44  C  C3  . ZHP A 3 ? 0.2182 0.1923 0.1831 -0.0389 0.0425  0.0126  3    ZHP A C3  
45  O  O3  . ZHP A 3 ? 0.2046 0.2247 0.2282 -0.0278 0.0349  0.0165  3    ZHP A O3  
46  C  C6  . ZHP A 3 ? 0.2282 0.2118 0.1985 -0.0017 0.0004  -0.0048 3    ZHP A C6  
47  C  C5  . ZHP A 3 ? 0.2405 0.1992 0.2189 -0.0096 0.0007  -0.0089 3    ZHP A C5  
48  C  C4  . ZHP A 3 ? 0.2397 0.2099 0.1960 -0.0307 0.0044  -0.0103 3    ZHP A C4  
49  O  O4  . ZHP A 3 ? 0.2256 0.1864 0.2201 -0.0438 0.0100  0.0008  3    ZHP A O4  
50  O  O2P . ZAD A 4 ? 0.2304 0.4395 0.2557 0.0702  0.0068  -0.0055 4    ZAD A O2P 
51  P  P   . ZAD A 4 ? 0.2027 0.3279 0.1887 0.0317  0.0046  -0.0033 4    ZAD A P   
52  O  O1P . ZAD A 4 ? 0.3075 0.3314 0.2356 0.0124  0.0174  0.0661  4    ZAD A O1P 
53  O  O3G . ZAD A 4 ? 0.2275 0.3185 0.1828 0.0189  -0.0090 -0.0096 4    ZAD A O3G 
54  C  C3G . ZAD A 4 ? 0.2465 0.3100 0.2076 0.0078  -0.0106 0.0154  4    ZAD A C3G 
55  C  C2G . ZAD A 4 ? 0.2120 0.3027 0.2023 0.0007  -0.0100 0.0164  4    ZAD A C2G 
56  O  O2G . ZAD A 4 ? 0.1857 0.3597 0.1694 -0.0095 -0.0415 -0.0315 4    ZAD A O2G 
57  C  C1G . ZAD A 4 ? 0.2244 0.2684 0.1615 0.0051  -0.0050 0.0002  4    ZAD A C1G 
58  N  N9  . ZAD A 4 ? 0.1971 0.3062 0.1779 0.0206  0.0051  0.0078  4    ZAD A N9  
59  C  C4  . ZAD A 4 ? 0.1735 0.3108 0.1499 0.0349  0.0085  0.0153  4    ZAD A C4  
60  N  N3  . ZAD A 4 ? 0.1893 0.2874 0.1514 0.0152  0.0306  0.0112  4    ZAD A N3  
61  C  C2  . ZAD A 4 ? 0.2172 0.2802 0.1571 0.0161  0.0503  -0.0068 4    ZAD A C2  
62  N  N1  . ZAD A 4 ? 0.2215 0.2834 0.1745 0.0329  0.0580  0.0171  4    ZAD A N1  
63  C  C6  . ZAD A 4 ? 0.2680 0.2707 0.1605 0.0503  0.0508  0.0057  4    ZAD A C6  
64  N  N6  . ZAD A 4 ? 0.2510 0.2873 0.1782 0.0595  0.0247  0.0148  4    ZAD A N6  
65  C  C5  . ZAD A 4 ? 0.1937 0.3202 0.1428 0.0400  0.0246  -0.0007 4    ZAD A C5  
66  N  N7  . ZAD A 4 ? 0.2254 0.3221 0.1805 0.0454  0.0100  -0.0020 4    ZAD A N7  
67  C  C8  . ZAD A 4 ? 0.3002 0.2928 0.1823 0.0364  0.0398  -0.0069 4    ZAD A C8  
68  O  O4  . ZTH A 5 ? 0.2244 0.3028 0.1991 -0.0133 -0.0335 0.0165  5    ZTH A O4  
69  C  C4  . ZTH A 5 ? 0.2021 0.3151 0.1645 -0.0189 -0.0067 0.0043  5    ZTH A C4  
70  N  N3  . ZTH A 5 ? 0.1864 0.3072 0.1208 -0.0154 -0.0048 0.0007  5    ZTH A N3  
71  C  C2  . ZTH A 5 ? 0.1898 0.3032 0.1177 -0.0007 -0.0014 0.0074  5    ZTH A C2  
72  O  O2  . ZTH A 5 ? 0.1590 0.3217 0.1550 -0.0017 -0.0103 -0.0030 5    ZTH A O2  
73  C  C5  . ZTH A 5 ? 0.2326 0.3172 0.1612 0.0047  -0.0096 0.0000  5    ZTH A C5  
74  C  C5M . ZTH A 5 ? 0.2576 0.3112 0.2198 0.0120  -0.0328 0.0186  5    ZTH A C5M 
75  C  C6  . ZTH A 5 ? 0.2290 0.3143 0.1453 -0.0004 -0.0127 0.0178  5    ZTH A C6  
76  N  N1  . ZTH A 5 ? 0.1808 0.3189 0.1440 0.0014  -0.0070 0.0062  5    ZTH A N1  
77  C  C1G . ZTH A 5 ? 0.1836 0.3338 0.1491 -0.0001 -0.0082 0.0012  5    ZTH A C1G 
78  C  C2G . ZTH A 5 ? 0.1882 0.3647 0.1795 -0.0171 -0.0146 -0.0100 5    ZTH A C2G 
79  O  O2G . ZTH A 5 ? 0.2036 0.4298 0.1659 0.0199  -0.0245 -0.0257 5    ZTH A O2G 
80  C  C3G . ZTH A 5 ? 0.2284 0.3822 0.1764 -0.0193 -0.0062 -0.0360 5    ZTH A C3G 
81  O  O3G . ZTH A 5 ? 0.2179 0.4406 0.1660 -0.0263 -0.0190 -0.0282 5    ZTH A O3G 
82  P  P   . ZTH A 5 ? 0.2143 0.4581 0.1777 -0.0390 -0.0149 -0.0575 5    ZTH A P   
83  O  O1P . ZTH A 5 ? 0.2264 0.4918 0.2958 -0.0037 -0.0246 -0.0904 5    ZTH A O1P 
84  O  O2P . ZTH A 5 ? 0.2805 0.4642 0.2152 -0.0628 -0.0135 -0.0388 5    ZTH A O2P 
85  P  P   . ZHP A 6 ? 0.2519 0.5142 0.1763 0.0238  -0.0021 -0.0427 6    ZHP A P   
86  O  O1P . ZHP A 6 ? 0.3044 0.5585 0.2373 0.0761  -0.0039 -0.0329 6    ZHP A O1P 
87  O  O2P . ZHP A 6 ? 0.3836 0.5319 0.2319 -0.0110 0.0370  -0.0205 6    ZHP A O2P 
88  O  O3G . ZHP A 6 ? 0.2574 0.4419 0.1452 0.0567  -0.0087 -0.0402 6    ZHP A O3G 
89  C  C3G . ZHP A 6 ? 0.2482 0.3630 0.1484 0.0448  -0.0030 -0.0285 6    ZHP A C3G 
90  C  C2G . ZHP A 6 ? 0.2258 0.3161 0.1635 0.0316  0.0060  -0.0124 6    ZHP A C2G 
91  O  O2G . ZHP A 6 ? 0.2602 0.3030 0.1459 0.0459  0.0066  0.0063  6    ZHP A O2G 
92  C  C1G . ZHP A 6 ? 0.2467 0.2937 0.1844 0.0112  0.0135  0.0065  6    ZHP A C1G 
93  N  N1  . ZHP A 6 ? 0.2418 0.2572 0.1294 0.0063  0.0181  -0.0045 6    ZHP A N1  
94  C  C2  . ZHP A 6 ? 0.2209 0.2598 0.1370 0.0160  0.0333  -0.0108 6    ZHP A C2  
95  C  C2M . ZHP A 6 ? 0.2216 0.2663 0.1975 0.0075  0.0090  -0.0072 6    ZHP A C2M 
96  C  C3  . ZHP A 6 ? 0.2116 0.2495 0.1253 0.0169  0.0469  0.0099  6    ZHP A C3  
97  O  O3  . ZHP A 6 ? 0.2225 0.2160 0.1715 0.0026  0.0648  -0.0277 6    ZHP A O3  
98  C  C6  . ZHP A 6 ? 0.2618 0.2445 0.1573 0.0072  0.0058  -0.0066 6    ZHP A C6  
99  C  C5  . ZHP A 6 ? 0.2543 0.2503 0.1504 0.0084  0.0135  0.0121  6    ZHP A C5  
100 C  C4  . ZHP A 6 ? 0.2404 0.2508 0.1590 0.0080  0.0462  -0.0148 6    ZHP A C4  
101 O  O4  . ZHP A 6 ? 0.2376 0.2282 0.1753 -0.0050 0.0090  -0.0251 6    ZHP A O4  
102 O  O2  . ZCY A 7 ? 0.2358 0.1684 0.1582 -0.0065 0.0185  -0.0279 7    ZCY A O2  
103 C  C2  . ZCY A 7 ? 0.2282 0.1415 0.1299 0.0103  0.0127  -0.0117 7    ZCY A C2  
104 N  N3  . ZCY A 7 ? 0.2134 0.1255 0.1550 -0.0018 0.0243  -0.0201 7    ZCY A N3  
105 C  C4  . ZCY A 7 ? 0.2447 0.1035 0.1747 -0.0113 0.0170  -0.0122 7    ZCY A C4  
106 N  N4  . ZCY A 7 ? 0.2483 0.1129 0.2025 -0.0093 0.0001  -0.0172 7    ZCY A N4  
107 C  C5  . ZCY A 7 ? 0.2429 0.1279 0.1816 0.0063  0.0255  -0.0086 7    ZCY A C5  
108 C  C6  . ZCY A 7 ? 0.2372 0.1246 0.1709 0.0074  0.0454  -0.0078 7    ZCY A C6  
109 N  N1  . ZCY A 7 ? 0.2267 0.1362 0.1482 0.0007  0.0286  -0.0103 7    ZCY A N1  
110 C  C1G . ZCY A 7 ? 0.2417 0.1622 0.1413 0.0107  0.0211  -0.0044 7    ZCY A C1G 
111 C  C2G . ZCY A 7 ? 0.2380 0.1469 0.1458 0.0125  0.0209  -0.0127 7    ZCY A C2G 
112 O  O2G . ZCY A 7 ? 0.2257 0.1533 0.1282 -0.0066 0.0087  -0.0176 7    ZCY A O2G 
113 C  C3G . ZCY A 7 ? 0.2442 0.2224 0.1298 0.0174  0.0189  -0.0210 7    ZCY A C3G 
114 O  O3G . ZCY A 7 ? 0.2594 0.2665 0.1450 0.0340  0.0005  0.0166  7    ZCY A O3G 
115 P  P   . ZCY A 7 ? 0.2767 0.3091 0.1407 0.0621  0.0128  -0.0013 7    ZCY A P   
116 O  O2P . ZCY A 7 ? 0.3244 0.3300 0.1861 0.0691  0.0076  -0.0333 7    ZCY A O2P 
117 O  O1P . ZCY A 7 ? 0.2702 0.3787 0.2063 0.0403  0.0305  -0.0024 7    ZCY A O1P 
118 P  P   . ZGU A 8 ? 0.2097 0.1994 0.1342 0.0096  0.0189  -0.0050 8    ZGU A P   
119 O  O1P . ZGU A 8 ? 0.2115 0.2307 0.1614 0.0148  0.0221  -0.0419 8    ZGU A O1P 
120 O  O2P . ZGU A 8 ? 0.1880 0.2720 0.1840 0.0048  0.0140  0.0057  8    ZGU A O2P 
121 O  O3G . ZGU A 8 ? 0.2176 0.2200 0.1449 -0.0072 0.0185  0.0247  8    ZGU A O3G 
122 C  C3G . ZGU A 8 ? 0.2246 0.2068 0.1791 -0.0047 0.0265  0.0174  8    ZGU A C3G 
123 C  C2G . ZGU A 8 ? 0.2303 0.2078 0.1688 0.0021  0.0281  0.0059  8    ZGU A C2G 
124 O  O2G . ZGU A 8 ? 0.2673 0.1840 0.1818 0.0130  0.0018  -0.0022 8    ZGU A O2G 
125 C  C1G . ZGU A 8 ? 0.2308 0.1897 0.1533 0.0081  0.0176  -0.0048 8    ZGU A C1G 
126 N  N9  . ZGU A 8 ? 0.2265 0.1766 0.1698 -0.0065 0.0123  -0.0078 8    ZGU A N9  
127 C  C8  . ZGU A 8 ? 0.2267 0.1853 0.1923 -0.0212 0.0206  -0.0054 8    ZGU A C8  
128 N  N7  . ZGU A 8 ? 0.2335 0.1706 0.1873 -0.0192 0.0171  -0.0065 8    ZGU A N7  
129 C  C4  . ZGU A 8 ? 0.2091 0.1678 0.1417 -0.0091 0.0248  -0.0086 8    ZGU A C4  
130 C  C5  . ZGU A 8 ? 0.2095 0.1722 0.1598 -0.0153 0.0221  -0.0105 8    ZGU A C5  
131 N  N3  . ZGU A 8 ? 0.1915 0.1975 0.1493 -0.0036 0.0136  -0.0106 8    ZGU A N3  
132 C  C2  . ZGU A 8 ? 0.2090 0.1780 0.1592 -0.0104 0.0112  -0.0140 8    ZGU A C2  
133 N  N2  . ZGU A 8 ? 0.2006 0.1907 0.2024 -0.0123 -0.0059 -0.0172 8    ZGU A N2  
134 N  N1  . ZGU A 8 ? 0.1935 0.1670 0.1583 -0.0078 0.0128  -0.0190 8    ZGU A N1  
135 C  C6  . ZGU A 8 ? 0.1901 0.1853 0.1575 -0.0007 0.0004  -0.0054 8    ZGU A C6  
136 O  O6  . ZGU A 8 ? 0.1862 0.1900 0.1924 -0.0165 0.0050  0.0042  8    ZGU A O6  
137 CU CU  . CU  B . ? 0.2248 0.2190 0.1871 0.0186  0.0359  -0.0173 1001 CU  A CU  
138 MG MG  . MG  C . ? 0.3227 0.2581 0.2807 -0.0914 0.0849  -0.0660 1002 MG  A MG  
139 MG MG  . MG  D . ? 0.2924 0.4060 0.2431 0.0569  0.0076  0.0479  1003 MG  A MG  
140 CO CO  . NCO E . ? 0.1806 0.4273 0.1837 -0.0602 0.0133  0.0176  1004 NCO A CO  
141 N  N1  . NCO E . ? 0.1669 0.3573 0.1709 -0.0416 0.0266  0.0304  1004 NCO A N1  
142 N  N2  . NCO E . ? 0.2470 0.3958 0.1648 -0.0366 0.0528  0.0238  1004 NCO A N2  
143 N  N3  . NCO E . ? 0.1975 0.4069 0.2312 -0.0497 0.0119  0.0126  1004 NCO A N3  
144 N  N4  . NCO E . ? 0.2421 0.3737 0.2223 -0.0539 0.0278  0.0108  1004 NCO A N4  
145 N  N5  . NCO E . ? 0.1932 0.4001 0.2151 -0.0527 0.0142  0.0181  1004 NCO A N5  
146 N  N6  . NCO E . ? 0.2064 0.3682 0.2048 -0.0347 0.0201  0.0123  1004 NCO A N6  
147 CO CO  . NCO F . ? 0.2113 0.4811 0.3491 -0.0527 -0.1067 -0.0200 1005 NCO A CO  
148 N  N1  . NCO F . ? 0.2271 0.4603 0.3545 -0.0409 -0.0795 -0.0171 1005 NCO A N1  
149 N  N2  . NCO F . ? 0.2453 0.4448 0.3309 -0.0452 -0.0809 -0.0084 1005 NCO A N2  
150 N  N3  . NCO F . ? 0.2577 0.4358 0.3809 -0.0490 -0.0748 -0.0099 1005 NCO A N3  
151 N  N4  . NCO F . ? 0.2290 0.4398 0.3516 -0.0498 -0.0788 -0.0231 1005 NCO A N4  
152 N  N5  . NCO F . ? 0.1822 0.4463 0.3701 -0.0322 -0.0818 -0.0209 1005 NCO A N5  
153 N  N6  . NCO F . ? 0.2657 0.4356 0.3488 -0.0356 -0.0454 0.0109  1005 NCO A N6  
154 NA NA  . NA  G . ? 0.9687 1.0091 0.9953 0.0167  -0.0112 0.0117  1006 NA  A NA  
155 O  O   . HOH H . ? 0.2560 0.3331 0.4095 -0.0050 -0.0637 -0.0533 2001 HOH A O   
156 O  O   . HOH H . ? 0.2914 0.2939 0.4005 0.0331  -0.0544 0.0171  2002 HOH A O   
157 O  O   . HOH H . ? 0.3739 0.2947 0.3215 -0.0009 -0.0094 0.0387  2003 HOH A O   
158 O  O   . HOH H . ? 0.4201 0.2896 0.4207 0.0313  0.0298  -0.0012 2004 HOH A O   
159 O  O   . HOH H . ? 0.6638 0.6894 0.6767 0.0226  -0.0125 -0.0094 2005 HOH A O   
160 O  O   . HOH H . ? 0.5068 0.3810 0.3614 -0.0152 -0.0184 -0.0253 2006 HOH A O   
161 O  O   . HOH H . ? 0.5785 0.4198 0.3545 0.0389  -0.0193 -0.0009 2007 HOH A O   
162 O  O   . HOH H . ? 0.2509 0.3413 0.3021 -0.0074 0.0388  -0.0093 2008 HOH A O   
163 O  O   . HOH H . ? 0.3415 0.3144 0.3378 -0.0402 0.0698  -0.0695 2009 HOH A O   
164 O  O   . HOH H . ? 0.7118 0.6276 0.6621 0.0186  0.0085  -0.0100 2010 HOH A O   
165 O  O   . HOH H . ? 0.5425 0.4089 0.4788 0.0530  -0.0538 0.0099  2011 HOH A O   
166 O  O   . HOH H . ? 0.5839 0.5576 0.6123 -0.0167 0.0474  0.0047  2012 HOH A O   
167 O  O   . HOH H . ? 0.6048 0.6520 0.6726 0.0139  -0.0256 0.0300  2013 HOH A O   
168 O  O   . HOH H . ? 0.5327 0.4965 0.5419 0.0398  -0.0657 0.0169  2014 HOH A O   
169 O  O   . HOH H . ? 0.5538 0.6045 0.6377 0.0081  -0.0488 0.0176  2015 HOH A O   
170 O  O   . HOH H . ? 0.5865 0.5774 0.6008 0.0149  -0.0174 -0.0139 2016 HOH A O   
171 O  O   . HOH H . ? 0.5739 0.5068 0.5826 0.0424  -0.0458 0.0190  2017 HOH A O   
172 O  O   . HOH H . ? 0.5784 0.5687 0.6278 0.0290  0.0377  0.0118  2018 HOH A O   
173 O  O   . HOH H . ? 0.5946 0.6124 0.5387 -0.0472 0.0100  -0.0121 2019 HOH A O   
174 O  O   . HOH H . ? 0.7100 0.6547 0.6888 0.0261  -0.0138 -0.0047 2020 HOH A O   
175 O  O   . HOH H . ? 0.8390 0.8401 0.8278 0.0088  0.0139  0.0061  2021 HOH A O   
176 O  O   . HOH H . ? 0.3707 0.3939 0.3328 -0.0127 -0.0179 0.0490  2022 HOH A O   
177 O  O   . HOH H . ? 0.2634 0.3523 0.3757 -0.0137 0.0213  -0.0415 2023 HOH A O   
178 O  O   . HOH H . ? 0.3833 0.1830 0.4099 0.0345  -0.0704 -0.0244 2024 HOH A O   
179 O  O   . HOH H . ? 0.4193 0.2175 0.2549 0.0365  -0.0129 -0.0053 2025 HOH A O   
180 O  O   . HOH H . ? 0.3420 0.3517 0.5925 0.0152  -0.0888 0.0020  2026 HOH A O   
181 O  O   . HOH H . ? 0.4599 0.4077 0.4073 0.0244  -0.0579 -0.0163 2027 HOH A O   
182 O  O   . HOH H . ? 0.4424 0.2438 0.4963 0.0795  -0.1863 -0.0376 2028 HOH A O   
183 O  O   . HOH H . ? 0.3319 0.4191 0.5352 0.0300  -0.0477 0.0335  2029 HOH A O   
184 O  O   . HOH H . ? 0.3183 0.3473 0.4639 -0.0032 -0.0755 0.0095  2030 HOH A O   
185 O  O   . HOH H . ? 0.6469 0.5709 0.6073 0.0035  0.0669  -0.0138 2031 HOH A O   
186 O  O   . HOH H . ? 0.6502 0.6044 0.6811 -0.0061 -0.0121 -0.0174 2032 HOH A O   
187 O  O   . HOH H . ? 0.6997 0.6022 0.6605 0.0268  0.0220  0.0108  2033 HOH A O   
188 O  O   . HOH H . ? 0.5281 0.6222 0.6814 -0.0075 -0.0541 0.0197  2034 HOH A O   
189 O  O   . HOH H . ? 0.6762 0.5197 0.6380 0.0562  0.0149  -0.0277 2035 HOH A O   
190 O  O   . HOH H . ? 0.6324 0.6481 0.6918 -0.0152 -0.0395 -0.0056 2036 HOH A O   
191 O  O   . HOH H . ? 0.5412 0.4896 0.5981 -0.0049 -0.0390 0.0301  2037 HOH A O   
192 O  O   . HOH H . ? 0.3820 0.3100 0.5745 -0.0137 -0.1185 -0.0512 2038 HOH A O   
193 O  O   . HOH H . ? 0.4711 0.3650 0.4233 -0.0326 0.0372  -0.0016 2039 HOH A O   
194 O  O   . HOH H . ? 0.4572 0.5770 0.5532 -0.0126 0.0295  0.0260  2040 HOH A O   
195 O  O   . HOH H . ? 0.4936 0.6600 0.6111 0.0144  -0.0806 -0.0156 2041 HOH A O   
196 O  O   . HOH H . ? 0.3821 0.6070 0.4250 -0.0070 -0.0061 -0.0135 2042 HOH A O   
197 O  O   . HOH H . ? 0.4560 0.5181 0.4592 0.0512  -0.0174 0.0777  2043 HOH A O   
198 O  O   . HOH H . ? 0.5379 0.4634 0.5493 -0.0136 -0.0804 0.0222  2044 HOH A O   
199 O  O   . HOH H . ? 0.2187 0.3136 0.2339 0.0356  -0.0200 0.0171  2045 HOH A O   
200 O  O   . HOH H . ? 0.3942 0.3333 0.3425 -0.0144 0.0091  -0.0540 2046 HOH A O   
201 O  O   . HOH H . ? 0.5703 0.5941 0.6109 0.0097  -0.0387 0.0221  2047 HOH A O   
202 O  O   . HOH H . ? 0.5271 0.4875 0.6306 0.0546  -0.0031 -0.0504 2048 HOH A O   
203 O  O   . HOH H . ? 0.4055 0.4911 0.5648 -0.0356 -0.0218 -0.0094 2049 HOH A O   
204 O  O   . HOH H . ? 0.5222 0.4940 0.5628 0.1201  -0.0859 0.0102  2050 HOH A O   
205 O  O   . HOH H . ? 0.4477 0.4628 0.5956 -0.0006 -0.0792 0.0049  2051 HOH A O   
206 O  O   . HOH H . ? 0.5530 0.5643 0.4538 -0.0721 -0.0152 0.0340  2052 HOH A O   
207 O  O   . HOH H . ? 0.5046 0.3718 0.3446 0.0116  -0.0580 -0.0581 2053 HOH A O   
208 O  O   . HOH H . ? 0.5271 0.4944 0.5487 -0.0030 -0.0939 -0.0113 2054 HOH A O   
209 O  O   . HOH H . ? 0.5741 0.6787 0.5984 -0.0237 -0.0074 -0.0074 2055 HOH A O   
210 O  O   . HOH H . ? 0.5888 0.6422 0.5929 -0.0570 -0.0264 0.0264  2056 HOH A O   
211 O  O   . HOH H . ? 0.6572 0.7633 0.7210 0.0496  -0.0019 -0.0167 2057 HOH A O   
212 O  O   . HOH H . ? 0.4769 0.3876 0.4015 0.0614  -0.0193 0.0040  2058 HOH A O   
213 O  O   . HOH H . ? 0.6099 0.7309 0.5968 -0.0212 0.0015  0.0193  2059 HOH A O   
214 O  O   . HOH H . ? 0.3486 0.2416 0.2482 -0.0272 0.0658  -0.0371 2060 HOH A O   
215 O  O   . HOH H . ? 0.4062 0.2848 0.3642 -0.0201 -0.0989 0.0445  2061 HOH A O   
216 O  O   . HOH H . ? 0.4573 0.5711 0.4848 0.0403  0.0113  0.0013  2062 HOH A O   
217 O  O   . HOH H . ? 0.4157 0.5919 0.5485 0.0119  -0.0197 0.0136  2063 HOH A O   
218 O  O   . HOH H . ? 0.4851 0.5948 0.4983 -0.0250 -0.0048 -0.0012 2064 HOH A O   
219 O  O   . HOH H . ? 0.5739 0.3058 0.4099 0.0630  -0.1194 0.0133  2065 HOH A O   
220 O  O   . HOH H . ? 0.6892 0.5185 0.6251 -0.0017 -0.0286 0.0320  2066 HOH A O   
221 O  O   . HOH H . ? 0.4264 0.4176 0.3684 -0.0232 0.0054  -0.0017 2067 HOH A O   
222 O  O   . HOH H . ? 0.3767 0.3657 0.5722 -0.0360 -0.1004 0.0626  2068 HOH A O   
223 O  O   . HOH H . ? 0.4070 0.3338 0.3543 0.1195  -0.0519 -0.0542 2069 HOH A O   
224 O  O   . HOH H . ? 0.4357 0.3389 0.4202 -0.0851 -0.0240 -0.0063 2070 HOH A O   
225 O  O   . HOH H . ? 0.3364 0.2249 0.2409 -0.0191 0.0480  -0.0335 2071 HOH A O   
226 O  O   . HOH H . ? 0.4123 0.5775 0.4796 0.0836  -0.0420 0.0012  2072 HOH A O   
227 O  O   . HOH H . ? 0.3916 0.6551 0.4359 -0.1252 0.0557  0.0207  2073 HOH A O   
228 O  O   . HOH H . ? 0.2336 0.2799 0.3056 -0.0014 -0.0180 -0.0259 2074 HOH A O   
229 O  O   . HOH H . ? 0.6360 0.5997 0.5593 -0.0225 -0.0595 -0.0321 2075 HOH A O   
230 O  O   . HOH H . ? 0.7348 0.8086 0.8066 -0.0216 -0.0200 -0.0164 2076 HOH A O   
231 O  O   . HOH H . ? 0.3864 0.4710 0.4326 -0.0508 0.0015  -0.0665 2077 HOH A O   
232 O  O   . HOH H . ? 0.3533 0.5815 0.4419 0.0097  -0.0656 -0.0260 2078 HOH A O   
233 O  O   . HOH H . ? 0.9157 0.9335 0.9335 -0.0028 -0.0222 -0.0190 2079 HOH A O   
234 O  O   . HOH H . ? 0.4362 0.4636 0.3021 -0.0008 0.0131  0.0105  2080 HOH A O   
# 
